data_5DYO
#
_entry.id   5DYO
#
_cell.length_a   54.232
_cell.length_b   105.401
_cell.length_c   109.059
_cell.angle_alpha   90.000
_cell.angle_beta   102.730
_cell.angle_gamma   90.000
#
_symmetry.space_group_name_H-M   'P 1 21 1'
#
loop_
_entity.id
_entity.type
_entity.pdbx_description
1 polymer 'Fab 43.1 Heavy Chain'
2 polymer 'Fab 43.1 Light Chain'
3 non-polymer '2-(6-HYDROXY-3-OXO-3H-XANTHEN-9-YL)-BENZOIC ACID'
4 non-polymer 'SULFATE ION'
5 water water
#
loop_
_entity_poly.entity_id
_entity_poly.type
_entity_poly.pdbx_seq_one_letter_code
_entity_poly.pdbx_strand_id
1 'polypeptide(L)'
;VQLQQSGPELVKPGASVKMSCKASGYTFSTSVIHWVKQKPGQGLEWIGYIFPYNYGTQYNEEFRGKATLTSDKSSNTAYM
ELSSLTSEDSAVYYCASRSGPWGQGTTLTVSSAKTTAPSVYPLAPVCGDTTGSSVTLGCLVKGYFPEPVTLTWNSGSLSS
GVHTFPAVLQSDLYTLSSSVTVTSSTWPSQSITCNVAHPASSTKVDKKIEPR
;
A,H
2 'polypeptide(L)'
;DVVMTQTPLTLSITIGQPVSISCKSSQSLFASDGRTYLNWLLQRPGQSPERLIYLVSNLDSGVLDRFTGSGSGTDFTLKI
SRVEAEDLGVYYCWQGTHFPQTFGGGTKLEIKRADAAPTVSIFPPSSEQLTSGGASVVCFLNNFYPKDINVKWKIDGSER
QNGVLNSWTDQDSKDSTYSMSSTLTLTKDEYERHNSYTCEATHKTSTSPIVKSFNRNE
;
B,L
#
loop_
_chem_comp.id
_chem_comp.type
_chem_comp.name
_chem_comp.formula
FLU non-polymer '2-(6-HYDROXY-3-OXO-3H-XANTHEN-9-YL)-BENZOIC ACID' 'C20 H12 O5'
SO4 non-polymer 'SULFATE ION' 'O4 S -2'
#
# COMPACT_ATOMS: atom_id res chain seq x y z
N VAL A 1 13.76 -27.75 7.12
CA VAL A 1 14.06 -26.87 5.99
C VAL A 1 15.03 -25.73 6.35
N GLN A 2 16.03 -25.49 5.48
CA GLN A 2 17.01 -24.41 5.67
C GLN A 2 17.46 -23.81 4.34
N LEU A 3 17.87 -22.51 4.39
CA LEU A 3 18.32 -21.71 3.26
C LEU A 3 19.83 -21.46 3.34
N GLN A 4 20.55 -21.94 2.31
CA GLN A 4 22.00 -21.81 2.19
C GLN A 4 22.33 -20.70 1.21
N GLN A 5 22.99 -19.66 1.71
CA GLN A 5 23.42 -18.54 0.88
C GLN A 5 24.86 -18.72 0.34
N SER A 6 25.17 -18.02 -0.76
CA SER A 6 26.48 -17.98 -1.40
C SER A 6 27.53 -17.32 -0.47
N GLY A 7 28.82 -17.59 -0.71
CA GLY A 7 29.92 -17.10 0.11
C GLY A 7 30.08 -15.59 0.09
N PRO A 8 31.00 -15.03 0.93
CA PRO A 8 31.23 -13.55 0.92
C PRO A 8 31.90 -13.09 -0.36
N GLU A 9 31.71 -11.81 -0.69
CA GLU A 9 32.25 -11.20 -1.90
C GLU A 9 32.81 -9.83 -1.64
N LEU A 10 33.94 -9.53 -2.29
CA LEU A 10 34.57 -8.21 -2.32
C LEU A 10 34.55 -7.81 -3.79
N VAL A 11 33.96 -6.66 -4.07
CA VAL A 11 33.76 -6.17 -5.44
C VAL A 11 34.19 -4.70 -5.46
N LYS A 12 34.74 -4.24 -6.60
CA LYS A 12 35.18 -2.86 -6.75
C LYS A 12 34.00 -1.93 -7.00
N PRO A 13 34.04 -0.65 -6.55
CA PRO A 13 32.92 0.26 -6.81
C PRO A 13 32.59 0.37 -8.31
N GLY A 14 31.31 0.54 -8.61
CA GLY A 14 30.79 0.68 -9.96
C GLY A 14 30.43 -0.62 -10.64
N ALA A 15 31.03 -1.74 -10.17
CA ALA A 15 30.75 -3.06 -10.69
C ALA A 15 29.44 -3.63 -10.10
N SER A 16 29.12 -4.91 -10.40
CA SER A 16 27.89 -5.54 -9.93
C SER A 16 28.11 -6.98 -9.42
N VAL A 17 27.24 -7.46 -8.51
CA VAL A 17 27.38 -8.80 -7.90
C VAL A 17 26.05 -9.58 -7.96
N LYS A 18 26.14 -10.91 -7.94
CA LYS A 18 24.98 -11.80 -7.96
C LYS A 18 25.11 -12.83 -6.82
N MET A 19 24.13 -12.86 -5.88
CA MET A 19 24.09 -13.78 -4.73
C MET A 19 23.04 -14.85 -4.94
N SER A 20 23.23 -16.04 -4.33
CA SER A 20 22.30 -17.15 -4.43
C SER A 20 21.80 -17.55 -3.04
N CYS A 21 20.60 -18.13 -2.99
CA CYS A 21 19.91 -18.61 -1.79
C CYS A 21 19.23 -19.88 -2.23
N LYS A 22 19.64 -21.03 -1.68
CA LYS A 22 19.11 -22.34 -2.05
C LYS A 22 18.50 -23.06 -0.84
N ALA A 23 17.31 -23.67 -1.01
CA ALA A 23 16.62 -24.43 0.03
C ALA A 23 16.46 -25.89 -0.38
N SER A 24 15.81 -26.72 0.48
CA SER A 24 15.48 -28.12 0.19
C SER A 24 14.40 -28.14 -0.94
N GLY A 25 14.34 -29.24 -1.71
CA GLY A 25 13.44 -29.46 -2.84
C GLY A 25 11.96 -29.13 -2.71
N TYR A 26 11.45 -29.03 -1.46
CA TYR A 26 10.04 -28.78 -1.12
C TYR A 26 9.61 -27.28 -1.06
N THR A 27 9.92 -26.63 0.09
CA THR A 27 9.56 -25.28 0.56
C THR A 27 9.67 -24.15 -0.48
N PHE A 28 10.86 -23.93 -1.09
CA PHE A 28 11.12 -22.84 -2.05
C PHE A 28 10.12 -22.77 -3.22
N SER A 29 9.74 -23.92 -3.81
CA SER A 29 8.82 -23.99 -4.95
C SER A 29 7.36 -23.60 -4.63
N THR A 30 7.03 -23.38 -3.32
CA THR A 30 5.71 -22.98 -2.80
C THR A 30 5.74 -21.69 -1.94
N SER A 31 6.89 -21.39 -1.29
CA SER A 31 7.02 -20.22 -0.42
C SER A 31 7.67 -18.98 -1.09
N VAL A 32 7.22 -17.77 -0.67
CA VAL A 32 7.74 -16.45 -1.04
C VAL A 32 9.15 -16.32 -0.37
N ILE A 33 10.14 -15.73 -1.09
CA ILE A 33 11.51 -15.49 -0.61
C ILE A 33 11.72 -13.99 -0.52
N HIS A 34 12.04 -13.48 0.68
CA HIS A 34 12.32 -12.05 0.92
C HIS A 34 13.82 -11.83 0.89
N TRP A 35 14.26 -10.61 0.59
CA TRP A 35 15.67 -10.25 0.65
C TRP A 35 15.77 -9.06 1.59
N VAL A 36 16.69 -9.13 2.57
CA VAL A 36 16.84 -8.12 3.63
C VAL A 36 18.30 -7.69 3.69
N LYS A 37 18.54 -6.38 3.93
CA LYS A 37 19.87 -5.78 4.09
C LYS A 37 20.14 -5.40 5.56
N GLN A 38 21.33 -5.72 6.07
CA GLN A 38 21.75 -5.33 7.42
C GLN A 38 23.22 -4.89 7.47
N LYS A 39 23.42 -3.58 7.73
CA LYS A 39 24.73 -2.97 7.90
C LYS A 39 25.21 -3.27 9.33
N PRO A 40 26.54 -3.54 9.58
CA PRO A 40 26.99 -3.89 10.95
C PRO A 40 26.58 -2.90 12.05
N GLY A 41 26.04 -3.47 13.14
CA GLY A 41 25.55 -2.71 14.29
C GLY A 41 24.26 -1.96 14.06
N GLN A 42 23.59 -2.25 12.92
CA GLN A 42 22.35 -1.56 12.52
C GLN A 42 21.14 -2.51 12.39
N GLY A 43 19.95 -1.93 12.23
CA GLY A 43 18.70 -2.67 12.09
C GLY A 43 18.49 -3.31 10.73
N LEU A 44 17.26 -3.80 10.46
CA LEU A 44 16.94 -4.46 9.20
C LEU A 44 16.18 -3.56 8.22
N GLU A 45 16.41 -3.78 6.91
CA GLU A 45 15.81 -3.05 5.80
C GLU A 45 15.36 -4.07 4.76
N TRP A 46 14.07 -4.03 4.38
CA TRP A 46 13.51 -4.96 3.42
C TRP A 46 13.80 -4.44 2.01
N ILE A 47 14.39 -5.32 1.16
CA ILE A 47 14.75 -5.00 -0.23
C ILE A 47 13.59 -5.30 -1.19
N GLY A 48 12.99 -6.45 -0.98
CA GLY A 48 11.90 -6.95 -1.81
C GLY A 48 11.69 -8.44 -1.65
N TYR A 49 10.74 -8.98 -2.41
CA TYR A 49 10.45 -10.40 -2.40
C TYR A 49 10.21 -10.96 -3.81
N ILE A 50 10.24 -12.28 -3.93
CA ILE A 50 9.97 -12.99 -5.16
C ILE A 50 9.02 -14.17 -4.86
N PHE A 51 8.03 -14.39 -5.73
CA PHE A 51 7.08 -15.48 -5.55
C PHE A 51 7.60 -16.74 -6.23
N PRO A 52 7.23 -17.91 -5.66
CA PRO A 52 7.68 -19.20 -6.23
C PRO A 52 7.45 -19.49 -7.73
N TYR A 53 6.27 -20.08 -8.06
CA TYR A 53 5.90 -20.54 -9.38
C TYR A 53 5.82 -19.48 -10.46
N ASN A 54 5.12 -18.36 -10.19
CA ASN A 54 4.84 -17.31 -11.16
C ASN A 54 6.00 -16.36 -11.48
N TYR A 55 7.12 -16.39 -10.72
CA TYR A 55 8.30 -15.51 -10.91
C TYR A 55 7.97 -14.00 -10.68
N GLY A 56 6.86 -13.73 -10.00
CA GLY A 56 6.40 -12.38 -9.65
C GLY A 56 7.22 -11.77 -8.52
N THR A 57 7.61 -10.51 -8.67
CA THR A 57 8.43 -9.78 -7.71
C THR A 57 7.80 -8.49 -7.19
N GLN A 58 8.34 -7.98 -6.10
CA GLN A 58 7.95 -6.75 -5.44
C GLN A 58 9.21 -6.17 -4.84
N TYR A 59 9.46 -4.87 -5.09
CA TYR A 59 10.66 -4.18 -4.63
C TYR A 59 10.34 -3.05 -3.70
N ASN A 60 11.28 -2.74 -2.79
CA ASN A 60 11.24 -1.54 -1.97
C ASN A 60 11.73 -0.50 -2.97
N GLU A 61 11.06 0.67 -3.05
CA GLU A 61 11.38 1.76 -3.98
C GLU A 61 12.84 2.22 -3.89
N GLU A 62 13.45 2.15 -2.70
CA GLU A 62 14.86 2.49 -2.50
C GLU A 62 15.81 1.57 -3.28
N PHE A 63 15.35 0.37 -3.66
CA PHE A 63 16.15 -0.62 -4.36
C PHE A 63 15.75 -0.87 -5.81
N ARG A 64 14.78 -0.08 -6.35
CA ARG A 64 14.27 -0.21 -7.72
C ARG A 64 15.36 -0.41 -8.79
N GLY A 65 16.35 0.48 -8.81
CA GLY A 65 17.47 0.38 -9.76
C GLY A 65 18.75 -0.25 -9.22
N LYS A 66 18.73 -0.75 -7.97
CA LYS A 66 19.89 -1.39 -7.34
C LYS A 66 19.79 -2.89 -7.42
N ALA A 67 18.68 -3.46 -6.92
CA ALA A 67 18.48 -4.89 -6.87
C ALA A 67 17.60 -5.42 -7.96
N THR A 68 17.79 -6.70 -8.31
CA THR A 68 17.03 -7.46 -9.29
C THR A 68 16.89 -8.87 -8.72
N LEU A 69 15.63 -9.29 -8.46
CA LEU A 69 15.33 -10.61 -7.90
C LEU A 69 14.94 -11.60 -8.98
N THR A 70 15.63 -12.75 -9.06
CA THR A 70 15.34 -13.84 -10.01
C THR A 70 15.30 -15.20 -9.30
N SER A 71 14.69 -16.21 -9.93
CA SER A 71 14.64 -17.55 -9.38
C SER A 71 14.76 -18.63 -10.47
N ASP A 72 15.44 -19.72 -10.11
CA ASP A 72 15.65 -20.90 -10.94
C ASP A 72 14.86 -22.01 -10.27
N LYS A 73 13.67 -22.32 -10.83
CA LYS A 73 12.77 -23.35 -10.31
C LYS A 73 13.42 -24.74 -10.28
N SER A 74 14.16 -25.08 -11.37
CA SER A 74 14.89 -26.33 -11.60
C SER A 74 15.88 -26.67 -10.47
N SER A 75 16.55 -25.66 -9.90
CA SER A 75 17.57 -25.83 -8.87
C SER A 75 17.17 -25.38 -7.47
N ASN A 76 15.88 -24.96 -7.28
CA ASN A 76 15.34 -24.45 -6.00
C ASN A 76 16.19 -23.27 -5.46
N THR A 77 16.63 -22.37 -6.38
CA THR A 77 17.52 -21.26 -6.05
C THR A 77 16.97 -19.88 -6.43
N ALA A 78 17.06 -18.94 -5.49
CA ALA A 78 16.68 -17.55 -5.69
C ALA A 78 17.99 -16.77 -5.76
N TYR A 79 18.01 -15.72 -6.55
CA TYR A 79 19.20 -14.89 -6.74
C TYR A 79 18.92 -13.40 -6.52
N MET A 80 19.93 -12.66 -6.12
CA MET A 80 19.81 -11.21 -6.01
C MET A 80 21.04 -10.59 -6.64
N GLU A 81 20.80 -9.79 -7.67
CA GLU A 81 21.83 -9.06 -8.37
C GLU A 81 21.70 -7.60 -7.92
N LEU A 82 22.81 -7.02 -7.47
CA LEU A 82 22.94 -5.63 -7.06
C LEU A 82 23.83 -5.01 -8.10
N SER A 83 23.54 -3.76 -8.48
CA SER A 83 24.25 -3.07 -9.55
C SER A 83 24.79 -1.72 -9.14
N SER A 84 25.84 -1.25 -9.87
CA SER A 84 26.55 0.02 -9.70
C SER A 84 26.87 0.23 -8.21
N LEU A 85 27.61 -0.74 -7.68
CA LEU A 85 27.96 -0.87 -6.27
C LEU A 85 28.77 0.31 -5.71
N THR A 86 28.34 0.80 -4.54
CA THR A 86 28.83 1.94 -3.77
C THR A 86 29.19 1.41 -2.38
N SER A 87 30.04 2.13 -1.61
CA SER A 87 30.40 1.76 -0.22
C SER A 87 29.13 1.56 0.65
N GLU A 88 28.07 2.33 0.37
CA GLU A 88 26.76 2.26 1.03
C GLU A 88 26.05 0.89 0.81
N ASP A 89 26.54 0.08 -0.14
CA ASP A 89 26.01 -1.27 -0.41
C ASP A 89 26.77 -2.33 0.39
N SER A 90 27.80 -1.91 1.16
CA SER A 90 28.60 -2.80 2.00
C SER A 90 27.73 -3.15 3.20
N ALA A 91 27.37 -4.45 3.31
CA ALA A 91 26.46 -4.96 4.34
C ALA A 91 26.32 -6.47 4.27
N VAL A 92 25.47 -7.02 5.15
CA VAL A 92 25.12 -8.43 5.16
C VAL A 92 23.76 -8.45 4.46
N TYR A 93 23.56 -9.46 3.61
CA TYR A 93 22.33 -9.63 2.87
C TYR A 93 21.79 -11.00 3.20
N TYR A 94 20.49 -11.04 3.63
CA TYR A 94 19.85 -12.32 3.96
C TYR A 94 18.70 -12.58 3.05
N CYS A 95 18.39 -13.85 2.87
CA CYS A 95 17.16 -14.24 2.22
C CYS A 95 16.32 -14.83 3.36
N ALA A 96 15.01 -14.62 3.32
CA ALA A 96 14.11 -15.06 4.38
C ALA A 96 12.84 -15.67 3.76
N SER A 97 12.53 -16.89 4.16
CA SER A 97 11.34 -17.58 3.65
C SER A 97 10.10 -17.16 4.44
N ARG A 98 8.98 -16.99 3.72
CA ARG A 98 7.69 -16.68 4.30
C ARG A 98 7.31 -17.82 5.23
N SER A 99 7.75 -19.05 4.92
CA SER A 99 7.43 -20.21 5.75
C SER A 99 8.39 -20.42 6.95
N GLY A 100 9.23 -19.42 7.30
CA GLY A 100 10.10 -19.47 8.47
C GLY A 100 11.60 -19.28 8.35
N PRO A 101 12.31 -20.21 7.65
CA PRO A 101 13.79 -20.12 7.55
C PRO A 101 14.40 -18.81 7.02
N TRP A 102 15.60 -18.49 7.52
CA TRP A 102 16.42 -17.37 7.07
C TRP A 102 17.75 -17.98 6.69
N GLY A 103 18.44 -17.37 5.73
CA GLY A 103 19.77 -17.80 5.33
C GLY A 103 20.79 -17.35 6.36
N GLN A 104 22.05 -17.81 6.23
CA GLN A 104 23.13 -17.45 7.15
C GLN A 104 23.64 -16.02 6.90
N GLY A 105 23.32 -15.50 5.72
CA GLY A 105 23.73 -14.18 5.26
C GLY A 105 24.92 -14.28 4.33
N THR A 106 25.09 -13.27 3.46
CA THR A 106 26.22 -13.15 2.56
C THR A 106 26.80 -11.76 2.74
N THR A 107 28.07 -11.70 3.13
CA THR A 107 28.75 -10.44 3.38
C THR A 107 29.29 -9.86 2.08
N LEU A 108 29.02 -8.59 1.86
CA LEU A 108 29.46 -7.90 0.68
C LEU A 108 30.30 -6.71 1.05
N THR A 109 31.51 -6.67 0.52
CA THR A 109 32.44 -5.59 0.75
C THR A 109 32.64 -4.84 -0.59
N VAL A 110 32.20 -3.58 -0.64
CA VAL A 110 32.41 -2.78 -1.83
C VAL A 110 33.67 -1.93 -1.59
N SER A 111 34.83 -2.38 -2.11
CA SER A 111 36.06 -1.62 -1.92
C SER A 111 37.03 -1.60 -3.09
N SER A 112 37.72 -0.44 -3.27
CA SER A 112 38.77 -0.24 -4.27
C SER A 112 40.03 -1.00 -3.85
N ALA A 113 40.29 -1.06 -2.51
CA ALA A 113 41.41 -1.72 -1.82
C ALA A 113 41.72 -3.15 -2.28
N LYS A 114 42.97 -3.60 -2.05
CA LYS A 114 43.43 -4.92 -2.48
C LYS A 114 43.43 -6.00 -1.41
N THR A 115 43.21 -7.24 -1.86
CA THR A 115 43.18 -8.48 -1.08
C THR A 115 44.55 -8.72 -0.46
N THR A 116 44.62 -8.70 0.89
CA THR A 116 45.83 -8.91 1.68
C THR A 116 45.72 -10.19 2.53
N ALA A 117 46.77 -11.03 2.48
CA ALA A 117 46.84 -12.27 3.25
C ALA A 117 47.09 -11.95 4.74
N PRO A 118 46.48 -12.70 5.70
CA PRO A 118 46.69 -12.36 7.12
C PRO A 118 47.93 -12.98 7.74
N SER A 119 48.56 -12.21 8.63
CA SER A 119 49.69 -12.66 9.42
C SER A 119 49.10 -13.31 10.67
N VAL A 120 49.50 -14.55 10.93
CA VAL A 120 49.00 -15.32 12.07
C VAL A 120 50.12 -15.58 13.09
N TYR A 121 49.94 -15.06 14.31
CA TYR A 121 50.94 -15.22 15.36
C TYR A 121 50.45 -16.02 16.56
N PRO A 122 51.27 -16.95 17.11
CA PRO A 122 50.84 -17.69 18.31
C PRO A 122 51.11 -16.85 19.57
N LEU A 123 50.08 -16.68 20.42
CA LEU A 123 50.24 -15.92 21.66
C LEU A 123 50.51 -16.83 22.88
N ALA A 124 51.79 -16.97 23.25
CA ALA A 124 52.24 -17.79 24.37
C ALA A 124 52.25 -17.01 25.68
N PRO A 125 51.65 -17.56 26.77
CA PRO A 125 51.64 -16.84 28.06
C PRO A 125 53.04 -16.61 28.63
N VAL A 126 53.20 -15.49 29.37
CA VAL A 126 54.46 -15.11 30.00
C VAL A 126 54.79 -15.99 31.21
N SER A 133 45.23 -22.98 38.11
CA SER A 133 44.15 -23.90 37.73
C SER A 133 44.05 -24.06 36.21
N SER A 134 43.83 -22.94 35.50
CA SER A 134 43.71 -22.90 34.05
C SER A 134 44.68 -21.89 33.40
N VAL A 135 45.23 -22.28 32.23
CA VAL A 135 46.15 -21.49 31.40
C VAL A 135 45.45 -21.01 30.13
N THR A 136 45.42 -19.68 29.91
CA THR A 136 44.83 -19.03 28.73
C THR A 136 45.89 -18.84 27.63
N LEU A 137 45.59 -19.31 26.42
CA LEU A 137 46.46 -19.17 25.23
C LEU A 137 45.76 -18.26 24.23
N GLY A 138 46.51 -17.72 23.27
CA GLY A 138 45.94 -16.81 22.28
C GLY A 138 46.40 -17.05 20.85
N CYS A 139 45.71 -16.37 19.91
CA CYS A 139 46.01 -16.40 18.48
C CYS A 139 45.70 -15.03 17.88
N LEU A 140 46.72 -14.36 17.31
CA LEU A 140 46.50 -13.06 16.68
C LEU A 140 46.48 -13.21 15.16
N VAL A 141 45.49 -12.57 14.51
CA VAL A 141 45.25 -12.56 13.06
C VAL A 141 45.37 -11.07 12.62
N LYS A 142 46.58 -10.67 12.20
CA LYS A 142 46.92 -9.28 11.86
C LYS A 142 47.05 -9.03 10.36
N GLY A 143 46.57 -7.87 9.93
CA GLY A 143 46.65 -7.39 8.56
C GLY A 143 46.09 -8.28 7.46
N TYR A 144 44.78 -8.23 7.27
CA TYR A 144 44.07 -8.96 6.22
C TYR A 144 42.97 -8.09 5.67
N PHE A 145 42.54 -8.37 4.42
CA PHE A 145 41.43 -7.70 3.73
C PHE A 145 40.89 -8.59 2.61
N PRO A 146 39.56 -8.70 2.46
CA PRO A 146 38.49 -8.07 3.27
C PRO A 146 38.04 -8.99 4.41
N GLU A 147 36.85 -8.70 4.97
CA GLU A 147 36.18 -9.52 5.99
C GLU A 147 35.30 -10.55 5.26
N PRO A 148 35.14 -11.80 5.76
CA PRO A 148 35.58 -12.35 7.05
C PRO A 148 36.71 -13.38 6.95
N VAL A 149 37.07 -13.95 8.12
CA VAL A 149 38.07 -14.98 8.35
C VAL A 149 37.41 -16.06 9.23
N THR A 150 37.93 -17.30 9.21
CA THR A 150 37.40 -18.39 10.04
C THR A 150 38.44 -18.90 11.00
N LEU A 151 38.05 -19.02 12.28
CA LEU A 151 38.96 -19.43 13.34
C LEU A 151 38.42 -20.57 14.20
N THR A 152 39.23 -21.66 14.29
CA THR A 152 38.99 -22.87 15.08
C THR A 152 40.27 -23.18 15.89
N TRP A 153 40.16 -24.05 16.90
CA TRP A 153 41.33 -24.46 17.71
C TRP A 153 41.49 -25.98 17.65
N ASN A 154 42.72 -26.45 17.28
CA ASN A 154 43.10 -27.86 17.12
C ASN A 154 42.20 -28.61 16.10
N SER A 155 41.87 -27.90 14.97
CA SER A 155 40.98 -28.31 13.86
C SER A 155 39.49 -28.34 14.25
N GLY A 156 39.18 -28.19 15.53
CA GLY A 156 37.81 -28.19 16.04
C GLY A 156 37.60 -28.91 17.37
N SER A 157 38.55 -29.77 17.79
CA SER A 157 38.50 -30.54 19.05
C SER A 157 38.51 -29.67 20.33
N LEU A 158 38.78 -28.36 20.15
CA LEU A 158 38.77 -27.33 21.18
C LEU A 158 37.78 -26.25 20.79
N SER A 159 36.73 -26.06 21.62
CA SER A 159 35.67 -25.08 21.38
C SER A 159 35.05 -24.57 22.67
N SER A 160 35.06 -25.38 23.74
CA SER A 160 34.44 -25.04 25.02
C SER A 160 34.96 -23.72 25.63
N GLY A 161 36.24 -23.69 26.02
CA GLY A 161 36.85 -22.51 26.62
C GLY A 161 37.48 -21.56 25.63
N VAL A 162 36.72 -21.15 24.58
CA VAL A 162 37.20 -20.26 23.52
C VAL A 162 36.34 -18.98 23.39
N HIS A 163 37.01 -17.82 23.28
CA HIS A 163 36.40 -16.51 23.04
C HIS A 163 37.02 -15.91 21.76
N THR A 164 36.29 -15.96 20.63
CA THR A 164 36.79 -15.38 19.38
C THR A 164 36.28 -13.95 19.31
N PHE A 165 37.18 -12.99 19.06
CA PHE A 165 36.78 -11.60 19.06
C PHE A 165 36.52 -11.01 17.67
N PRO A 166 35.58 -10.03 17.55
CA PRO A 166 35.35 -9.37 16.24
C PRO A 166 36.56 -8.55 15.78
N ALA A 167 36.65 -8.32 14.46
CA ALA A 167 37.73 -7.51 13.89
C ALA A 167 37.51 -6.01 14.10
N VAL A 168 38.60 -5.24 13.97
CA VAL A 168 38.64 -3.77 14.07
C VAL A 168 39.39 -3.23 12.85
N LEU A 169 38.94 -2.08 12.34
CA LEU A 169 39.51 -1.43 11.16
C LEU A 169 40.51 -0.34 11.53
N GLN A 170 41.78 -0.58 11.15
CA GLN A 170 42.95 0.28 11.31
C GLN A 170 44.05 -0.38 10.46
N SER A 171 44.34 0.16 9.27
CA SER A 171 43.72 1.34 8.65
C SER A 171 43.41 1.01 7.20
N ASP A 172 44.03 -0.08 6.70
CA ASP A 172 43.84 -0.49 5.33
C ASP A 172 42.73 -1.57 5.19
N LEU A 173 42.67 -2.77 5.88
CA LEU A 173 43.44 -3.64 6.81
C LEU A 173 42.75 -3.81 8.18
N TYR A 174 42.27 -5.08 8.42
CA TYR A 174 41.54 -5.54 9.62
C TYR A 174 42.41 -6.46 10.49
N THR A 175 42.14 -6.51 11.81
CA THR A 175 42.85 -7.40 12.75
C THR A 175 41.91 -7.98 13.84
N LEU A 176 41.99 -9.29 14.09
CA LEU A 176 41.22 -9.90 15.18
C LEU A 176 42.04 -10.95 15.98
N SER A 177 41.54 -11.28 17.19
CA SER A 177 42.19 -12.20 18.13
C SER A 177 41.23 -13.22 18.76
N SER A 178 41.79 -14.34 19.28
CA SER A 178 41.06 -15.42 19.96
C SER A 178 41.83 -15.97 21.15
N SER A 179 41.10 -16.27 22.26
CA SER A 179 41.66 -16.85 23.48
C SER A 179 41.10 -18.23 23.78
N VAL A 180 41.97 -19.17 24.21
CA VAL A 180 41.57 -20.52 24.60
C VAL A 180 42.08 -20.82 26.04
N THR A 181 41.14 -20.96 26.97
CA THR A 181 41.47 -21.24 28.35
C THR A 181 41.19 -22.72 28.67
N VAL A 182 42.28 -23.49 28.84
CA VAL A 182 42.32 -24.92 29.19
C VAL A 182 43.03 -25.07 30.55
N THR A 183 42.90 -26.24 31.23
CA THR A 183 43.53 -26.46 32.55
C THR A 183 45.06 -26.49 32.46
N SER A 184 45.75 -26.16 33.58
CA SER A 184 47.21 -26.15 33.72
C SER A 184 47.85 -27.49 33.34
N SER A 185 47.08 -28.59 33.47
CA SER A 185 47.49 -29.97 33.15
C SER A 185 47.40 -30.28 31.66
N THR A 186 46.38 -29.73 30.94
CA THR A 186 46.14 -29.94 29.51
C THR A 186 47.31 -29.41 28.65
N TRP A 187 47.73 -28.15 28.87
CA TRP A 187 48.83 -27.50 28.15
C TRP A 187 50.03 -27.23 29.06
N PRO A 188 51.29 -27.47 28.64
CA PRO A 188 51.77 -27.94 27.33
C PRO A 188 52.03 -29.45 27.22
N SER A 189 51.37 -30.27 28.06
CA SER A 189 51.52 -31.73 28.06
C SER A 189 50.99 -32.33 26.75
N GLN A 190 49.86 -31.78 26.26
CA GLN A 190 49.20 -32.14 25.00
C GLN A 190 49.38 -30.96 24.04
N SER A 191 49.26 -31.20 22.71
CA SER A 191 49.42 -30.17 21.69
C SER A 191 48.17 -29.31 21.43
N ILE A 192 48.36 -27.98 21.36
CA ILE A 192 47.30 -27.00 21.06
C ILE A 192 47.79 -26.10 19.91
N THR A 193 47.10 -26.20 18.77
CA THR A 193 47.39 -25.47 17.53
C THR A 193 46.21 -24.60 17.14
N CYS A 194 46.50 -23.44 16.52
CA CYS A 194 45.53 -22.48 16.02
C CYS A 194 45.36 -22.74 14.51
N ASN A 195 44.12 -22.62 13.99
CA ASN A 195 43.81 -22.85 12.57
C ASN A 195 43.04 -21.69 11.98
N VAL A 196 43.71 -20.84 11.18
CA VAL A 196 43.09 -19.67 10.55
C VAL A 196 42.92 -19.88 9.04
N ALA A 197 41.84 -19.30 8.46
CA ALA A 197 41.53 -19.38 7.04
C ALA A 197 40.88 -18.10 6.49
N HIS A 198 41.49 -17.55 5.43
CA HIS A 198 40.99 -16.36 4.74
C HIS A 198 40.55 -16.83 3.34
N PRO A 199 39.26 -16.63 2.95
CA PRO A 199 38.81 -17.11 1.63
C PRO A 199 39.42 -16.36 0.45
N ALA A 200 39.28 -15.01 0.44
CA ALA A 200 39.73 -14.09 -0.62
C ALA A 200 41.20 -14.26 -1.05
N SER A 201 42.12 -14.40 -0.08
CA SER A 201 43.56 -14.56 -0.34
C SER A 201 43.97 -16.01 -0.56
N SER A 202 42.99 -16.95 -0.48
CA SER A 202 43.16 -18.41 -0.64
C SER A 202 44.24 -18.96 0.32
N THR A 203 44.24 -18.47 1.58
CA THR A 203 45.21 -18.85 2.61
C THR A 203 44.60 -19.68 3.74
N LYS A 204 45.30 -20.78 4.12
CA LYS A 204 44.94 -21.67 5.22
C LYS A 204 46.20 -21.84 6.06
N VAL A 205 46.20 -21.19 7.25
CA VAL A 205 47.35 -21.19 8.15
C VAL A 205 47.06 -22.04 9.40
N ASP A 206 48.10 -22.72 9.90
CA ASP A 206 48.09 -23.53 11.11
C ASP A 206 49.32 -23.18 11.96
N LYS A 207 49.08 -22.56 13.15
CA LYS A 207 50.16 -22.12 14.04
C LYS A 207 50.11 -22.78 15.42
N LYS A 208 51.19 -23.52 15.77
CA LYS A 208 51.33 -24.22 17.05
C LYS A 208 51.75 -23.25 18.14
N ILE A 209 51.01 -23.26 19.27
CA ILE A 209 51.30 -22.41 20.43
C ILE A 209 52.41 -23.09 21.22
N GLU A 210 53.59 -22.47 21.30
CA GLU A 210 54.75 -23.06 21.98
C GLU A 210 55.22 -22.28 23.21
N PRO A 211 55.54 -22.98 24.33
CA PRO A 211 56.01 -22.26 25.54
C PRO A 211 57.35 -21.56 25.39
N ASP B 1 5.68 4.94 4.10
CA ASP B 1 6.08 3.70 4.75
C ASP B 1 5.55 3.63 6.19
N VAL B 2 5.17 2.43 6.64
CA VAL B 2 4.71 2.21 8.00
C VAL B 2 5.92 2.26 8.95
N VAL B 3 5.91 3.20 9.92
CA VAL B 3 6.97 3.32 10.91
C VAL B 3 6.62 2.36 12.03
N MET B 4 7.58 1.47 12.37
CA MET B 4 7.41 0.49 13.44
C MET B 4 8.27 0.94 14.64
N THR B 5 7.62 1.38 15.71
CA THR B 5 8.32 1.85 16.93
C THR B 5 8.32 0.78 18.00
N GLN B 6 9.54 0.30 18.38
CA GLN B 6 9.73 -0.72 19.42
C GLN B 6 10.15 -0.08 20.75
N THR B 7 9.51 -0.53 21.85
CA THR B 7 9.76 -0.09 23.21
C THR B 7 9.73 -1.30 24.15
N PRO B 8 10.63 -1.40 25.15
CA PRO B 8 11.76 -0.49 25.45
C PRO B 8 12.90 -0.66 24.45
N LEU B 9 13.90 0.26 24.46
CA LEU B 9 15.11 0.19 23.62
C LEU B 9 16.00 -0.98 24.09
N THR B 10 16.09 -1.18 25.43
CA THR B 10 16.90 -2.23 26.06
C THR B 10 16.20 -2.80 27.27
N LEU B 11 16.47 -4.05 27.56
CA LEU B 11 15.88 -4.75 28.68
C LEU B 11 16.91 -5.66 29.35
N SER B 12 17.15 -5.45 30.66
CA SER B 12 18.04 -6.31 31.45
C SER B 12 17.20 -7.07 32.44
N ILE B 13 17.19 -8.41 32.33
CA ILE B 13 16.30 -9.27 33.11
C ILE B 13 17.01 -10.48 33.73
N THR B 14 16.62 -10.84 34.99
CA THR B 14 17.13 -12.00 35.71
C THR B 14 16.51 -13.28 35.14
N ILE B 15 17.30 -14.38 35.06
CA ILE B 15 16.86 -15.71 34.61
C ILE B 15 15.63 -16.13 35.43
N GLY B 16 14.56 -16.50 34.72
CA GLY B 16 13.31 -16.92 35.32
C GLY B 16 12.29 -15.83 35.52
N GLN B 17 12.59 -14.58 35.14
CA GLN B 17 11.63 -13.48 35.25
C GLN B 17 10.85 -13.24 33.92
N PRO B 18 9.64 -12.58 33.95
CA PRO B 18 8.92 -12.36 32.69
C PRO B 18 9.43 -11.16 31.90
N VAL B 19 9.35 -11.25 30.57
CA VAL B 19 9.75 -10.20 29.61
C VAL B 19 8.54 -9.83 28.72
N SER B 20 8.33 -8.52 28.50
CA SER B 20 7.30 -7.99 27.61
C SER B 20 7.86 -6.90 26.65
N ILE B 21 7.88 -7.20 25.33
CA ILE B 21 8.34 -6.25 24.30
C ILE B 21 7.14 -5.73 23.50
N SER B 22 7.08 -4.40 23.33
CA SER B 22 6.01 -3.73 22.63
C SER B 22 6.44 -3.28 21.24
N CYS B 23 5.51 -3.39 20.29
CA CYS B 23 5.69 -2.92 18.91
C CYS B 23 4.43 -2.14 18.52
N LYS B 24 4.61 -0.87 18.16
CA LYS B 24 3.51 0.00 17.76
C LYS B 24 3.75 0.49 16.33
N SER B 25 2.76 0.27 15.45
CA SER B 25 2.81 0.67 14.04
C SER B 25 2.14 2.02 13.79
N SER B 26 2.67 2.76 12.81
CA SER B 26 2.11 4.06 12.44
C SER B 26 0.74 3.93 11.78
N GLN B 27 0.47 2.75 11.14
CA GLN B 27 -0.81 2.42 10.49
C GLN B 27 -1.27 1.04 10.96
N SER B 28 -2.60 0.76 10.86
CA SER B 28 -3.16 -0.54 11.24
C SER B 28 -2.57 -1.64 10.36
N LEU B 29 -2.24 -2.76 11.00
CA LEU B 29 -1.65 -3.93 10.37
C LEU B 29 -2.75 -4.89 9.97
N PHE B 30 -4.00 -4.48 10.20
CA PHE B 30 -5.18 -5.22 9.78
C PHE B 30 -5.31 -5.01 8.25
N ALA B 31 -5.15 -6.10 7.49
CA ALA B 31 -5.15 -6.07 6.02
C ALA B 31 -6.57 -6.21 5.40
N SER B 32 -6.68 -5.82 4.13
CA SER B 32 -7.90 -5.88 3.30
C SER B 32 -8.58 -7.25 3.25
N ASP B 33 -7.82 -8.32 3.56
CA ASP B 33 -8.31 -9.71 3.56
C ASP B 33 -8.68 -10.19 4.95
N GLY B 34 -8.67 -9.30 5.92
CA GLY B 34 -9.04 -9.63 7.29
C GLY B 34 -7.92 -10.24 8.12
N ARG B 35 -6.72 -10.39 7.54
CA ARG B 35 -5.59 -10.96 8.28
C ARG B 35 -4.64 -9.85 8.78
N THR B 36 -3.80 -10.16 9.76
CA THR B 36 -2.89 -9.16 10.34
C THR B 36 -1.48 -9.69 10.22
N TYR B 37 -0.66 -9.02 9.40
CA TYR B 37 0.71 -9.43 9.10
C TYR B 37 1.75 -8.74 9.95
N LEU B 38 2.05 -9.38 11.07
CA LEU B 38 3.02 -8.93 12.02
C LEU B 38 3.82 -10.15 12.47
N ASN B 39 5.15 -10.10 12.25
CA ASN B 39 6.09 -11.16 12.64
C ASN B 39 7.05 -10.64 13.74
N TRP B 40 7.59 -11.55 14.55
CA TRP B 40 8.60 -11.28 15.59
C TRP B 40 9.84 -12.13 15.29
N LEU B 41 11.00 -11.49 15.27
CA LEU B 41 12.29 -12.10 15.00
C LEU B 41 13.23 -11.91 16.17
N LEU B 42 14.15 -12.84 16.35
CA LEU B 42 15.19 -12.71 17.35
C LEU B 42 16.55 -12.83 16.66
N GLN B 43 17.42 -11.83 16.88
CA GLN B 43 18.78 -11.90 16.36
C GLN B 43 19.76 -12.23 17.51
N ARG B 44 20.31 -13.45 17.48
CA ARG B 44 21.27 -13.92 18.48
C ARG B 44 22.68 -13.42 18.09
N PRO B 45 23.59 -13.17 19.07
CA PRO B 45 24.94 -12.67 18.72
C PRO B 45 25.69 -13.50 17.66
N GLY B 46 26.20 -12.81 16.64
CA GLY B 46 26.92 -13.39 15.51
C GLY B 46 26.06 -14.30 14.64
N GLN B 47 24.73 -14.16 14.74
CA GLN B 47 23.80 -14.98 13.96
C GLN B 47 22.84 -14.12 13.11
N SER B 48 22.31 -14.72 12.04
CA SER B 48 21.29 -14.12 11.19
C SER B 48 19.97 -14.13 11.98
N PRO B 49 19.00 -13.21 11.72
CA PRO B 49 17.75 -13.29 12.46
C PRO B 49 17.05 -14.65 12.25
N GLU B 50 16.16 -14.97 13.18
CA GLU B 50 15.33 -16.16 13.14
C GLU B 50 13.94 -15.74 13.56
N ARG B 51 12.93 -16.23 12.85
CA ARG B 51 11.57 -15.88 13.19
C ARG B 51 11.07 -16.78 14.32
N LEU B 52 10.51 -16.14 15.35
CA LEU B 52 9.92 -16.82 16.51
C LEU B 52 8.39 -16.95 16.39
N ILE B 53 7.75 -15.84 15.98
CA ILE B 53 6.30 -15.68 15.83
C ILE B 53 5.96 -15.11 14.47
N TYR B 54 4.86 -15.61 13.92
CA TYR B 54 4.27 -15.13 12.66
C TYR B 54 2.78 -14.92 12.80
N LEU B 55 2.23 -13.99 12.00
CA LEU B 55 0.81 -13.63 11.98
C LEU B 55 0.28 -13.41 13.40
N VAL B 56 0.90 -12.45 14.09
CA VAL B 56 0.60 -11.97 15.44
C VAL B 56 0.94 -12.96 16.57
N SER B 57 0.44 -14.20 16.51
CA SER B 57 0.51 -15.15 17.60
C SER B 57 0.95 -16.57 17.28
N ASN B 58 1.31 -16.89 16.05
CA ASN B 58 1.68 -18.28 15.81
C ASN B 58 3.14 -18.52 16.13
N LEU B 59 3.45 -19.64 16.77
CA LEU B 59 4.84 -19.93 17.11
C LEU B 59 5.46 -20.73 16.01
N ASP B 60 6.68 -20.37 15.65
CA ASP B 60 7.43 -21.09 14.65
C ASP B 60 7.88 -22.46 15.24
N SER B 61 8.23 -23.43 14.39
CA SER B 61 8.66 -24.75 14.84
C SER B 61 9.92 -24.66 15.74
N GLY B 62 9.94 -25.44 16.81
CA GLY B 62 11.06 -25.43 17.75
C GLY B 62 11.10 -24.27 18.73
N VAL B 63 10.18 -23.29 18.60
CA VAL B 63 10.11 -22.15 19.53
C VAL B 63 9.44 -22.59 20.83
N LEU B 64 10.16 -22.41 21.96
CA LEU B 64 9.65 -22.80 23.28
C LEU B 64 8.33 -22.09 23.64
N ASP B 65 7.40 -22.83 24.26
CA ASP B 65 6.07 -22.36 24.67
C ASP B 65 6.06 -21.16 25.64
N ARG B 66 7.24 -20.78 26.20
CA ARG B 66 7.34 -19.61 27.10
C ARG B 66 7.16 -18.31 26.29
N PHE B 67 7.38 -18.41 24.95
CA PHE B 67 7.17 -17.31 24.00
C PHE B 67 5.68 -17.27 23.61
N THR B 68 5.08 -16.09 23.76
CA THR B 68 3.69 -15.80 23.45
C THR B 68 3.69 -14.46 22.72
N GLY B 69 2.83 -14.33 21.71
CA GLY B 69 2.67 -13.11 20.93
C GLY B 69 1.21 -12.72 20.86
N SER B 70 0.91 -11.43 20.98
CA SER B 70 -0.47 -10.96 20.95
C SER B 70 -0.57 -9.54 20.36
N GLY B 71 -1.78 -9.01 20.30
CA GLY B 71 -2.04 -7.66 19.81
C GLY B 71 -3.03 -7.63 18.65
N SER B 72 -3.41 -6.41 18.26
CA SER B 72 -4.34 -6.13 17.16
C SER B 72 -4.19 -4.68 16.70
N GLY B 73 -4.45 -4.45 15.42
CA GLY B 73 -4.40 -3.12 14.83
C GLY B 73 -3.03 -2.51 14.78
N THR B 74 -2.75 -1.60 15.74
CA THR B 74 -1.50 -0.83 15.82
C THR B 74 -0.62 -1.14 17.03
N ASP B 75 -1.02 -2.09 17.87
CA ASP B 75 -0.30 -2.40 19.11
C ASP B 75 -0.08 -3.87 19.22
N PHE B 76 1.20 -4.28 19.34
CA PHE B 76 1.62 -5.68 19.43
C PHE B 76 2.56 -5.93 20.60
N THR B 77 2.53 -7.15 21.08
CA THR B 77 3.27 -7.54 22.25
C THR B 77 3.87 -8.92 22.11
N LEU B 78 5.14 -9.04 22.50
CA LEU B 78 5.86 -10.30 22.54
C LEU B 78 6.17 -10.55 24.02
N LYS B 79 5.86 -11.76 24.51
CA LYS B 79 6.03 -12.11 25.91
C LYS B 79 6.80 -13.39 26.12
N ILE B 80 7.68 -13.37 27.14
CA ILE B 80 8.45 -14.51 27.61
C ILE B 80 7.97 -14.70 29.07
N SER B 81 7.30 -15.84 29.37
CA SER B 81 6.75 -16.13 30.72
C SER B 81 7.84 -16.15 31.82
N ARG B 82 8.92 -16.90 31.58
CA ARG B 82 10.06 -17.00 32.49
C ARG B 82 11.33 -17.12 31.61
N VAL B 83 12.07 -16.00 31.47
CA VAL B 83 13.22 -15.88 30.57
C VAL B 83 14.34 -16.93 30.82
N GLU B 84 15.08 -17.23 29.76
CA GLU B 84 16.20 -18.16 29.76
C GLU B 84 17.43 -17.48 29.14
N ALA B 85 18.64 -17.95 29.48
CA ALA B 85 19.88 -17.34 28.96
C ALA B 85 19.94 -17.35 27.43
N GLU B 86 19.50 -18.46 26.78
CA GLU B 86 19.48 -18.59 25.32
C GLU B 86 18.48 -17.59 24.60
N ASP B 87 17.74 -16.74 25.37
CA ASP B 87 16.78 -15.76 24.86
C ASP B 87 17.40 -14.40 24.60
N LEU B 88 18.67 -14.21 24.98
CA LEU B 88 19.33 -12.93 24.79
C LEU B 88 19.55 -12.59 23.28
N GLY B 89 19.59 -11.31 23.01
CA GLY B 89 19.76 -10.80 21.66
C GLY B 89 18.91 -9.60 21.37
N VAL B 90 18.75 -9.29 20.08
CA VAL B 90 17.93 -8.16 19.63
C VAL B 90 16.61 -8.70 19.06
N TYR B 91 15.47 -8.17 19.55
CA TYR B 91 14.13 -8.55 19.10
C TYR B 91 13.66 -7.52 18.09
N TYR B 92 13.18 -7.98 16.94
CA TYR B 92 12.66 -7.11 15.88
C TYR B 92 11.24 -7.53 15.49
N CYS B 93 10.32 -6.54 15.32
CA CYS B 93 9.00 -6.82 14.76
C CYS B 93 9.10 -6.55 13.26
N TRP B 94 8.31 -7.25 12.45
CA TRP B 94 8.31 -7.21 11.00
C TRP B 94 6.87 -7.11 10.47
N GLN B 95 6.52 -6.01 9.77
CA GLN B 95 5.17 -5.90 9.20
C GLN B 95 5.17 -6.19 7.70
N GLY B 96 4.09 -6.84 7.24
CA GLY B 96 3.87 -7.16 5.84
C GLY B 96 2.51 -6.78 5.32
N THR B 97 1.79 -5.88 6.03
CA THR B 97 0.47 -5.44 5.57
C THR B 97 0.60 -4.42 4.44
N HIS B 98 1.56 -3.48 4.58
CA HIS B 98 1.79 -2.43 3.61
C HIS B 98 3.18 -2.50 2.98
N PHE B 99 3.33 -1.83 1.82
CA PHE B 99 4.58 -1.79 1.12
C PHE B 99 5.24 -0.41 1.23
N PRO B 100 6.57 -0.37 1.48
CA PRO B 100 7.47 -1.53 1.60
C PRO B 100 7.27 -2.20 2.96
N GLN B 101 7.72 -3.43 3.11
CA GLN B 101 7.65 -4.06 4.41
C GLN B 101 8.72 -3.38 5.31
N THR B 102 8.40 -3.21 6.59
CA THR B 102 9.27 -2.49 7.49
C THR B 102 9.50 -3.26 8.78
N PHE B 103 10.59 -2.92 9.47
CA PHE B 103 10.97 -3.54 10.73
C PHE B 103 11.04 -2.50 11.83
N GLY B 104 10.88 -2.94 13.08
CA GLY B 104 11.08 -2.08 14.24
C GLY B 104 12.58 -1.88 14.45
N GLY B 105 12.95 -0.87 15.24
CA GLY B 105 14.34 -0.56 15.52
C GLY B 105 15.13 -1.58 16.33
N GLY B 106 14.43 -2.41 17.10
CA GLY B 106 15.01 -3.46 17.93
C GLY B 106 14.89 -3.22 19.42
N THR B 107 14.96 -4.30 20.18
CA THR B 107 14.94 -4.28 21.64
C THR B 107 16.03 -5.24 22.09
N LYS B 108 17.09 -4.71 22.74
CA LYS B 108 18.18 -5.57 23.20
C LYS B 108 17.86 -6.23 24.53
N LEU B 109 17.84 -7.55 24.53
CA LEU B 109 17.58 -8.29 25.74
C LEU B 109 18.90 -8.84 26.33
N GLU B 110 19.28 -8.28 27.48
CA GLU B 110 20.48 -8.67 28.23
C GLU B 110 20.08 -9.38 29.52
N ILE B 111 20.67 -10.55 29.74
CA ILE B 111 20.45 -11.41 30.91
C ILE B 111 21.21 -10.90 32.17
N LYS B 112 20.53 -10.90 33.34
CA LYS B 112 21.13 -10.47 34.60
C LYS B 112 21.68 -11.66 35.34
N ARG B 113 22.97 -11.57 35.70
CA ARG B 113 23.71 -12.56 36.47
C ARG B 113 24.46 -11.86 37.61
N ALA B 114 25.07 -12.67 38.52
CA ALA B 114 25.87 -12.16 39.63
C ALA B 114 27.15 -11.58 39.04
N ASP B 115 27.53 -10.38 39.49
CA ASP B 115 28.73 -9.64 39.05
C ASP B 115 29.97 -10.51 39.14
N ALA B 116 30.64 -10.68 37.99
CA ALA B 116 31.86 -11.47 37.88
C ALA B 116 33.01 -10.56 37.45
N ALA B 117 34.21 -10.87 37.92
CA ALA B 117 35.43 -10.12 37.62
C ALA B 117 36.10 -10.66 36.34
N PRO B 118 36.72 -9.77 35.51
CA PRO B 118 37.44 -10.25 34.32
C PRO B 118 38.70 -11.06 34.67
N THR B 119 38.97 -12.09 33.87
CA THR B 119 40.17 -12.91 33.95
C THR B 119 41.09 -12.22 32.94
N VAL B 120 42.07 -11.48 33.45
CA VAL B 120 43.00 -10.72 32.66
C VAL B 120 44.20 -11.62 32.27
N SER B 121 44.62 -11.52 31.01
CA SER B 121 45.75 -12.24 30.44
C SER B 121 46.50 -11.24 29.57
N ILE B 122 47.84 -11.23 29.67
CA ILE B 122 48.69 -10.36 28.87
C ILE B 122 49.61 -11.25 28.03
N PHE B 123 49.88 -10.81 26.80
CA PHE B 123 50.68 -11.54 25.83
C PHE B 123 51.71 -10.63 25.15
N PRO B 124 53.01 -10.90 25.28
CA PRO B 124 54.02 -10.08 24.59
C PRO B 124 54.06 -10.39 23.08
N PRO B 125 54.67 -9.53 22.23
CA PRO B 125 54.80 -9.88 20.82
C PRO B 125 55.48 -11.23 20.66
N SER B 126 54.93 -12.07 19.78
CA SER B 126 55.50 -13.37 19.47
C SER B 126 56.83 -13.16 18.73
N SER B 127 57.71 -14.16 18.81
CA SER B 127 59.02 -14.18 18.16
C SER B 127 58.88 -13.95 16.64
N GLU B 128 57.87 -14.61 16.03
CA GLU B 128 57.51 -14.56 14.60
C GLU B 128 57.20 -13.14 14.16
N GLN B 129 56.37 -12.41 14.94
CA GLN B 129 55.97 -11.04 14.67
C GLN B 129 57.17 -10.11 14.74
N LEU B 130 58.06 -10.37 15.71
CA LEU B 130 59.29 -9.62 15.94
C LEU B 130 60.27 -9.83 14.78
N THR B 131 60.27 -11.04 14.17
CA THR B 131 61.09 -11.39 12.98
C THR B 131 60.62 -10.54 11.79
N SER B 132 59.29 -10.51 11.54
CA SER B 132 58.68 -9.73 10.47
C SER B 132 58.74 -8.20 10.69
N GLY B 133 59.30 -7.79 11.83
CA GLY B 133 59.49 -6.39 12.18
C GLY B 133 58.33 -5.69 12.87
N GLY B 134 57.30 -6.47 13.25
CA GLY B 134 56.11 -5.93 13.93
C GLY B 134 56.12 -6.17 15.44
N ALA B 135 55.28 -5.41 16.19
CA ALA B 135 55.20 -5.57 17.64
C ALA B 135 53.82 -5.27 18.25
N SER B 136 53.01 -6.32 18.44
CA SER B 136 51.68 -6.20 19.02
C SER B 136 51.58 -6.91 20.37
N VAL B 137 51.06 -6.19 21.39
CA VAL B 137 50.89 -6.69 22.76
C VAL B 137 49.38 -6.90 23.02
N VAL B 138 48.96 -8.16 23.18
CA VAL B 138 47.54 -8.49 23.34
C VAL B 138 47.13 -8.76 24.79
N CYS B 139 45.95 -8.25 25.16
CA CYS B 139 45.40 -8.40 26.49
C CYS B 139 43.93 -8.79 26.50
N PHE B 140 43.64 -9.98 27.06
CA PHE B 140 42.28 -10.49 27.20
C PHE B 140 41.67 -10.21 28.58
N LEU B 141 40.44 -9.71 28.62
CA LEU B 141 39.69 -9.46 29.85
C LEU B 141 38.45 -10.30 29.67
N ASN B 142 38.51 -11.53 30.17
CA ASN B 142 37.53 -12.54 29.90
C ASN B 142 36.57 -12.87 31.03
N ASN B 143 35.31 -13.19 30.62
CA ASN B 143 34.14 -13.62 31.40
C ASN B 143 33.74 -12.70 32.55
N PHE B 144 33.55 -11.40 32.26
CA PHE B 144 33.12 -10.43 33.27
C PHE B 144 31.61 -10.05 33.18
N TYR B 145 31.08 -9.42 34.25
CA TYR B 145 29.72 -8.91 34.40
C TYR B 145 29.69 -7.81 35.48
N PRO B 146 29.13 -6.58 35.26
CA PRO B 146 28.48 -6.07 34.04
C PRO B 146 29.44 -5.72 32.90
N LYS B 147 28.88 -5.21 31.78
CA LYS B 147 29.59 -4.85 30.55
C LYS B 147 30.57 -3.69 30.70
N ASP B 148 30.22 -2.62 31.46
CA ASP B 148 31.10 -1.44 31.61
C ASP B 148 32.40 -1.77 32.35
N ILE B 149 33.50 -1.52 31.63
CA ILE B 149 34.90 -1.78 31.97
C ILE B 149 35.80 -0.74 31.26
N ASN B 150 36.98 -0.44 31.86
CA ASN B 150 37.97 0.47 31.30
C ASN B 150 39.35 -0.16 31.23
N VAL B 151 39.95 -0.21 30.02
CA VAL B 151 41.27 -0.79 29.79
C VAL B 151 42.33 0.29 29.55
N LYS B 152 43.21 0.46 30.55
CA LYS B 152 44.32 1.41 30.53
C LYS B 152 45.60 0.63 30.33
N TRP B 153 46.40 1.03 29.31
CA TRP B 153 47.70 0.43 28.99
C TRP B 153 48.77 1.34 29.57
N LYS B 154 49.64 0.78 30.45
CA LYS B 154 50.77 1.51 31.05
C LYS B 154 52.12 0.98 30.54
N ILE B 155 52.99 1.87 30.11
CA ILE B 155 54.31 1.50 29.63
C ILE B 155 55.32 2.29 30.44
N ASP B 156 56.12 1.59 31.31
CA ASP B 156 57.17 2.19 32.14
C ASP B 156 56.65 3.34 33.04
N GLY B 157 55.48 3.11 33.64
CA GLY B 157 54.81 4.02 34.56
C GLY B 157 53.97 5.11 33.93
N SER B 158 53.75 5.05 32.61
CA SER B 158 52.98 6.08 31.93
C SER B 158 51.95 5.52 30.97
N GLU B 159 50.77 6.16 30.93
CA GLU B 159 49.64 5.73 30.07
C GLU B 159 49.92 5.85 28.57
N ARG B 160 49.46 4.85 27.81
CA ARG B 160 49.59 4.81 26.36
C ARG B 160 48.20 4.61 25.74
N GLN B 161 47.81 5.58 24.88
CA GLN B 161 46.48 5.57 24.21
C GLN B 161 46.55 5.35 22.70
N ASN B 162 47.72 5.53 22.09
CA ASN B 162 47.96 5.37 20.65
C ASN B 162 48.38 3.94 20.27
N GLY B 163 47.75 3.41 19.23
CA GLY B 163 47.99 2.06 18.74
C GLY B 163 47.09 1.03 19.41
N VAL B 164 46.17 1.52 20.28
CA VAL B 164 45.22 0.70 21.03
C VAL B 164 43.98 0.35 20.18
N LEU B 165 43.73 -0.95 20.02
CA LEU B 165 42.57 -1.45 19.27
C LEU B 165 41.76 -2.40 20.14
N ASN B 166 40.61 -1.91 20.63
CA ASN B 166 39.67 -2.62 21.50
C ASN B 166 38.52 -3.26 20.74
N SER B 167 38.13 -4.47 21.17
CA SER B 167 37.06 -5.27 20.59
C SER B 167 36.31 -6.06 21.68
N TRP B 168 34.98 -5.91 21.71
CA TRP B 168 34.09 -6.55 22.69
C TRP B 168 33.27 -7.65 22.06
N THR B 169 32.84 -8.60 22.88
CA THR B 169 31.91 -9.64 22.46
C THR B 169 30.53 -9.22 22.99
N ASP B 170 29.48 -9.89 22.51
CA ASP B 170 28.13 -9.66 23.02
C ASP B 170 27.97 -10.71 24.11
N GLN B 171 27.08 -10.48 25.09
CA GLN B 171 26.81 -11.41 26.18
C GLN B 171 26.71 -12.84 25.69
N ASP B 172 27.45 -13.77 26.32
CA ASP B 172 27.40 -15.19 25.98
C ASP B 172 26.18 -15.79 26.67
N SER B 173 25.52 -16.75 26.03
CA SER B 173 24.34 -17.41 26.61
C SER B 173 24.82 -18.43 27.65
N LYS B 174 25.88 -19.18 27.30
CA LYS B 174 26.52 -20.25 28.07
C LYS B 174 26.88 -19.88 29.53
N ASP B 175 27.06 -18.58 29.86
CA ASP B 175 27.41 -18.15 31.23
C ASP B 175 27.00 -16.71 31.57
N SER B 176 26.22 -16.06 30.69
CA SER B 176 25.68 -14.70 30.81
C SER B 176 26.76 -13.62 31.05
N THR B 177 28.00 -13.88 30.57
CA THR B 177 29.12 -12.94 30.71
C THR B 177 29.52 -12.25 29.41
N TYR B 178 30.30 -11.17 29.56
CA TYR B 178 30.90 -10.40 28.46
C TYR B 178 32.42 -10.63 28.51
N SER B 179 33.07 -10.54 27.35
CA SER B 179 34.52 -10.68 27.20
C SER B 179 35.02 -9.55 26.32
N MET B 180 36.32 -9.25 26.43
CA MET B 180 36.94 -8.18 25.67
C MET B 180 38.43 -8.46 25.40
N SER B 181 38.97 -7.80 24.37
CA SER B 181 40.33 -7.96 23.90
C SER B 181 40.90 -6.60 23.56
N SER B 182 42.14 -6.32 24.03
CA SER B 182 42.84 -5.07 23.75
C SER B 182 44.19 -5.35 23.12
N THR B 183 44.56 -4.57 22.11
CA THR B 183 45.82 -4.74 21.42
C THR B 183 46.54 -3.42 21.35
N LEU B 184 47.82 -3.44 21.70
CA LEU B 184 48.69 -2.29 21.64
C LEU B 184 49.69 -2.56 20.52
N THR B 185 49.57 -1.81 19.41
CA THR B 185 50.47 -1.98 18.27
C THR B 185 51.49 -0.87 18.26
N LEU B 186 52.76 -1.28 18.22
CA LEU B 186 53.96 -0.46 18.20
C LEU B 186 54.84 -1.01 17.10
N THR B 187 55.90 -0.28 16.77
CA THR B 187 56.90 -0.79 15.84
C THR B 187 57.86 -1.64 16.71
N LYS B 188 58.55 -2.63 16.12
CA LYS B 188 59.53 -3.47 16.82
C LYS B 188 60.48 -2.58 17.65
N ASP B 189 60.91 -1.43 17.07
CA ASP B 189 61.80 -0.47 17.69
C ASP B 189 61.20 0.18 18.94
N GLU B 190 59.99 0.78 18.84
CA GLU B 190 59.28 1.41 19.98
C GLU B 190 59.16 0.39 21.13
N TYR B 191 58.85 -0.88 20.76
CA TYR B 191 58.71 -1.99 21.65
C TYR B 191 60.05 -2.28 22.34
N GLU B 192 61.16 -2.24 21.55
CA GLU B 192 62.51 -2.48 22.04
C GLU B 192 63.07 -1.33 22.90
N ARG B 193 62.44 -0.16 22.87
CA ARG B 193 62.83 1.01 23.67
C ARG B 193 62.12 1.04 25.04
N HIS B 194 61.18 0.11 25.27
CA HIS B 194 60.45 0.08 26.53
C HIS B 194 60.56 -1.26 27.23
N ASN B 195 60.28 -1.32 28.54
CA ASN B 195 60.44 -2.62 29.20
C ASN B 195 59.20 -3.12 29.92
N SER B 196 58.62 -2.29 30.79
CA SER B 196 57.47 -2.67 31.57
C SER B 196 56.16 -2.38 30.78
N TYR B 197 55.33 -3.43 30.57
CA TYR B 197 54.05 -3.35 29.84
C TYR B 197 52.92 -3.82 30.72
N THR B 198 52.00 -2.91 31.05
CA THR B 198 50.87 -3.19 31.93
C THR B 198 49.49 -3.04 31.25
N CYS B 199 48.58 -3.96 31.57
CA CYS B 199 47.18 -4.02 31.17
C CYS B 199 46.33 -3.93 32.46
N GLU B 200 45.77 -2.74 32.75
CA GLU B 200 44.91 -2.46 33.91
C GLU B 200 43.43 -2.49 33.49
N ALA B 201 42.61 -3.20 34.27
CA ALA B 201 41.18 -3.35 34.08
C ALA B 201 40.49 -2.70 35.25
N THR B 202 39.64 -1.70 34.98
CA THR B 202 38.87 -1.01 36.02
C THR B 202 37.40 -1.43 35.86
N HIS B 203 36.89 -2.15 36.85
CA HIS B 203 35.55 -2.75 36.91
C HIS B 203 34.84 -2.38 38.25
N LYS B 204 33.60 -2.88 38.44
CA LYS B 204 32.82 -2.67 39.66
C LYS B 204 33.16 -3.70 40.74
N THR B 205 33.52 -4.94 40.32
CA THR B 205 33.80 -6.10 41.15
C THR B 205 35.00 -5.94 42.11
N SER B 206 35.91 -4.98 41.86
CA SER B 206 37.06 -4.80 42.75
C SER B 206 37.52 -3.35 42.94
N THR B 207 38.20 -3.13 44.08
CA THR B 207 38.82 -1.85 44.45
C THR B 207 40.33 -2.08 44.66
N SER B 208 41.16 -1.74 43.65
CA SER B 208 40.61 -1.18 42.42
C SER B 208 41.11 -1.92 41.14
N PRO B 209 42.18 -1.54 40.38
CA PRO B 209 42.45 -2.26 39.12
C PRO B 209 42.99 -3.68 39.20
N ILE B 210 42.68 -4.46 38.15
CA ILE B 210 43.20 -5.82 37.95
C ILE B 210 44.33 -5.61 36.93
N VAL B 211 45.56 -5.66 37.44
CA VAL B 211 46.80 -5.37 36.75
C VAL B 211 47.53 -6.64 36.28
N LYS B 212 47.87 -6.72 34.98
CA LYS B 212 48.72 -7.77 34.44
C LYS B 212 49.89 -7.11 33.73
N SER B 213 51.13 -7.54 34.09
CA SER B 213 52.38 -6.98 33.56
C SER B 213 53.42 -8.01 33.18
N PHE B 214 54.42 -7.57 32.42
CA PHE B 214 55.58 -8.38 32.04
C PHE B 214 56.66 -7.42 31.70
N ASN B 215 57.90 -7.85 31.92
CA ASN B 215 59.09 -7.10 31.58
C ASN B 215 59.64 -7.72 30.28
N ARG B 216 59.77 -6.90 29.22
CA ARG B 216 60.29 -7.32 27.92
C ARG B 216 61.64 -8.07 28.07
N ASN B 217 62.59 -7.51 28.88
CA ASN B 217 63.93 -8.06 29.11
C ASN B 217 63.96 -9.32 29.98
N GLU B 218 62.77 -9.86 30.30
CA GLU B 218 62.56 -11.09 31.06
C GLU B 218 61.73 -12.08 30.28
N VAL C 1 -30.17 -7.21 -6.17
CA VAL C 1 -30.84 -6.00 -5.66
C VAL C 1 -29.84 -5.02 -4.97
N GLN C 2 -29.87 -3.76 -5.40
CA GLN C 2 -29.03 -2.68 -4.89
C GLN C 2 -29.11 -2.54 -3.37
N LEU C 3 -28.07 -1.98 -2.77
CA LEU C 3 -28.06 -1.70 -1.33
C LEU C 3 -28.97 -0.45 -1.13
N GLN C 4 -29.53 -0.24 0.07
CA GLN C 4 -30.49 0.87 0.21
C GLN C 4 -29.89 2.02 0.95
N GLN C 5 -29.71 3.13 0.23
CA GLN C 5 -29.11 4.33 0.78
C GLN C 5 -30.17 5.34 1.17
N SER C 6 -29.87 6.15 2.18
CA SER C 6 -30.74 7.25 2.68
C SER C 6 -30.92 8.36 1.58
N GLY C 7 -31.96 9.19 1.75
CA GLY C 7 -32.35 10.25 0.83
C GLY C 7 -31.39 11.40 0.69
N PRO C 8 -31.63 12.30 -0.30
CA PRO C 8 -30.72 13.43 -0.51
C PRO C 8 -30.74 14.44 0.62
N GLU C 9 -29.65 15.20 0.74
CA GLU C 9 -29.52 16.19 1.80
C GLU C 9 -28.96 17.49 1.29
N LEU C 10 -29.45 18.61 1.87
CA LEU C 10 -28.89 19.95 1.71
C LEU C 10 -28.42 20.34 3.10
N VAL C 11 -27.12 20.62 3.23
CA VAL C 11 -26.49 20.96 4.51
C VAL C 11 -25.64 22.23 4.34
N LYS C 12 -25.64 23.12 5.33
CA LYS C 12 -24.85 24.37 5.28
C LYS C 12 -23.34 24.13 5.48
N PRO C 13 -22.45 24.99 4.93
CA PRO C 13 -21.00 24.76 5.14
C PRO C 13 -20.53 24.90 6.59
N GLY C 14 -19.60 24.04 7.00
CA GLY C 14 -19.06 24.00 8.35
C GLY C 14 -19.74 22.96 9.22
N ALA C 15 -20.95 22.57 8.84
CA ALA C 15 -21.73 21.55 9.55
C ALA C 15 -21.23 20.15 9.18
N SER C 16 -21.94 19.13 9.68
CA SER C 16 -21.65 17.74 9.40
C SER C 16 -22.95 17.01 8.98
N VAL C 17 -22.83 15.87 8.29
CA VAL C 17 -23.96 15.06 7.81
C VAL C 17 -23.63 13.59 8.06
N LYS C 18 -24.66 12.73 8.15
CA LYS C 18 -24.48 11.30 8.31
C LYS C 18 -25.40 10.58 7.33
N MET C 19 -24.84 9.67 6.51
CA MET C 19 -25.51 8.88 5.47
C MET C 19 -25.57 7.44 5.89
N SER C 20 -26.62 6.75 5.49
CA SER C 20 -26.78 5.34 5.81
C SER C 20 -26.79 4.46 4.53
N CYS C 21 -26.43 3.17 4.72
CA CYS C 21 -26.40 2.15 3.70
C CYS C 21 -26.91 0.86 4.32
N LYS C 22 -28.00 0.33 3.77
CA LYS C 22 -28.63 -0.88 4.26
C LYS C 22 -28.44 -2.07 3.29
N ALA C 23 -27.98 -3.20 3.85
CA ALA C 23 -27.73 -4.47 3.16
C ALA C 23 -28.60 -5.58 3.76
N SER C 24 -28.55 -6.77 3.17
CA SER C 24 -29.20 -7.97 3.70
C SER C 24 -28.36 -8.34 4.95
N GLY C 25 -28.90 -9.16 5.85
CA GLY C 25 -28.15 -9.61 7.03
C GLY C 25 -26.95 -10.44 6.66
N TYR C 26 -27.09 -11.33 5.65
CA TYR C 26 -25.97 -12.14 5.15
C TYR C 26 -24.82 -11.24 4.64
N THR C 27 -25.12 -10.32 3.70
CA THR C 27 -24.14 -9.38 3.15
C THR C 27 -23.48 -8.61 4.28
N PHE C 28 -24.28 -8.02 5.16
CA PHE C 28 -23.77 -7.25 6.28
C PHE C 28 -22.86 -8.06 7.20
N SER C 29 -23.17 -9.34 7.46
CA SER C 29 -22.34 -10.16 8.37
C SER C 29 -21.09 -10.75 7.71
N THR C 30 -21.13 -10.95 6.38
CA THR C 30 -19.98 -11.60 5.71
C THR C 30 -19.10 -10.69 4.83
N SER C 31 -19.65 -9.54 4.38
CA SER C 31 -18.98 -8.66 3.42
C SER C 31 -18.46 -7.31 3.95
N VAL C 32 -17.51 -6.72 3.21
CA VAL C 32 -16.90 -5.40 3.44
C VAL C 32 -17.74 -4.37 2.62
N ILE C 33 -18.09 -3.21 3.24
CA ILE C 33 -18.86 -2.10 2.60
C ILE C 33 -17.86 -0.94 2.33
N HIS C 34 -17.78 -0.49 1.07
CA HIS C 34 -16.94 0.63 0.63
C HIS C 34 -17.80 1.86 0.52
N TRP C 35 -17.20 3.03 0.63
CA TRP C 35 -17.90 4.30 0.37
C TRP C 35 -17.12 4.99 -0.74
N VAL C 36 -17.85 5.43 -1.81
CA VAL C 36 -17.27 6.00 -3.04
C VAL C 36 -17.91 7.38 -3.32
N LYS C 37 -17.12 8.35 -3.76
CA LYS C 37 -17.58 9.72 -4.09
C LYS C 37 -17.58 9.95 -5.60
N GLN C 38 -18.58 10.66 -6.11
CA GLN C 38 -18.68 11.07 -7.51
C GLN C 38 -19.23 12.47 -7.61
N LYS C 39 -18.44 13.41 -8.14
CA LYS C 39 -18.93 14.77 -8.40
C LYS C 39 -19.69 14.67 -9.73
N PRO C 40 -20.85 15.32 -9.89
CA PRO C 40 -21.60 15.17 -11.16
C PRO C 40 -20.74 15.42 -12.39
N GLY C 41 -20.75 14.45 -13.31
CA GLY C 41 -19.97 14.46 -14.54
C GLY C 41 -18.53 13.99 -14.41
N GLN C 42 -18.06 13.69 -13.18
CA GLN C 42 -16.67 13.27 -12.99
C GLN C 42 -16.51 11.74 -12.76
N GLY C 43 -15.30 11.31 -12.41
CA GLY C 43 -14.95 9.92 -12.15
C GLY C 43 -15.26 9.48 -10.72
N LEU C 44 -14.81 8.28 -10.37
CA LEU C 44 -15.06 7.71 -9.05
C LEU C 44 -13.83 7.84 -8.16
N GLU C 45 -14.04 8.16 -6.89
CA GLU C 45 -12.99 8.27 -5.87
C GLU C 45 -13.39 7.37 -4.65
N TRP C 46 -12.49 6.50 -4.16
CA TRP C 46 -12.71 5.61 -3.00
C TRP C 46 -12.45 6.36 -1.66
N ILE C 47 -13.42 6.35 -0.72
CA ILE C 47 -13.30 7.06 0.57
C ILE C 47 -12.68 6.15 1.65
N GLY C 48 -13.23 4.94 1.76
CA GLY C 48 -12.78 3.94 2.70
C GLY C 48 -13.71 2.74 2.74
N TYR C 49 -13.39 1.77 3.62
CA TYR C 49 -14.23 0.61 3.81
C TYR C 49 -14.42 0.30 5.26
N ILE C 50 -15.48 -0.44 5.56
CA ILE C 50 -15.78 -0.95 6.89
C ILE C 50 -15.96 -2.49 6.81
N PHE C 51 -15.34 -3.21 7.76
CA PHE C 51 -15.43 -4.65 7.89
C PHE C 51 -16.68 -5.01 8.68
N PRO C 52 -17.36 -6.11 8.31
CA PRO C 52 -18.59 -6.49 9.01
C PRO C 52 -18.46 -6.81 10.50
N TYR C 53 -18.10 -8.07 10.76
CA TYR C 53 -17.92 -8.78 12.01
C TYR C 53 -17.01 -8.14 13.04
N ASN C 54 -16.12 -7.20 12.62
CA ASN C 54 -15.16 -6.64 13.56
C ASN C 54 -15.08 -5.11 13.59
N TYR C 55 -15.90 -4.39 12.79
CA TYR C 55 -15.92 -2.91 12.75
C TYR C 55 -14.57 -2.28 12.31
N GLY C 56 -13.68 -3.09 11.71
CA GLY C 56 -12.37 -2.66 11.24
C GLY C 56 -12.49 -1.73 10.04
N THR C 57 -11.83 -0.55 10.11
CA THR C 57 -11.90 0.46 9.08
C THR C 57 -10.60 0.70 8.38
N GLN C 58 -10.70 1.28 7.18
CA GLN C 58 -9.59 1.67 6.32
C GLN C 58 -10.03 2.91 5.59
N TYR C 59 -9.23 3.96 5.65
CA TYR C 59 -9.55 5.24 5.01
C TYR C 59 -8.53 5.61 3.98
N ASN C 60 -8.98 6.34 2.96
CA ASN C 60 -8.09 6.92 1.97
C ASN C 60 -7.60 8.17 2.70
N GLU C 61 -6.26 8.35 2.78
CA GLU C 61 -5.61 9.48 3.48
C GLU C 61 -6.31 10.84 3.24
N GLU C 62 -6.76 11.10 1.98
CA GLU C 62 -7.52 12.30 1.58
C GLU C 62 -8.73 12.57 2.48
N PHE C 63 -9.44 11.51 2.91
CA PHE C 63 -10.65 11.60 3.72
C PHE C 63 -10.48 11.30 5.26
N ARG C 64 -9.22 11.25 5.78
CA ARG C 64 -8.91 10.98 7.21
C ARG C 64 -9.68 11.86 8.25
N GLY C 65 -9.63 13.17 8.12
CA GLY C 65 -10.36 14.01 9.07
C GLY C 65 -11.80 14.25 8.64
N LYS C 66 -12.15 13.89 7.40
CA LYS C 66 -13.46 14.14 6.80
C LYS C 66 -14.50 13.07 7.07
N ALA C 67 -14.19 11.79 6.74
CA ALA C 67 -15.17 10.72 6.89
C ALA C 67 -14.95 9.84 8.12
N THR C 68 -16.06 9.32 8.65
CA THR C 68 -16.08 8.40 9.78
C THR C 68 -17.12 7.34 9.48
N LEU C 69 -16.65 6.11 9.30
CA LEU C 69 -17.49 4.98 8.98
C LEU C 69 -17.78 4.19 10.22
N THR C 70 -19.06 3.85 10.42
CA THR C 70 -19.55 3.03 11.53
C THR C 70 -20.56 2.01 10.93
N SER C 71 -20.98 1.00 11.71
CA SER C 71 -21.90 -0.06 11.26
C SER C 71 -22.77 -0.52 12.41
N ASP C 72 -23.98 -1.04 12.08
CA ASP C 72 -24.99 -1.51 13.03
C ASP C 72 -25.66 -2.81 12.58
N LYS C 73 -25.35 -3.91 13.30
CA LYS C 73 -25.89 -5.23 12.99
C LYS C 73 -27.38 -5.35 13.26
N SER C 74 -27.89 -4.63 14.28
CA SER C 74 -29.31 -4.67 14.66
C SER C 74 -30.22 -4.17 13.54
N SER C 75 -29.69 -3.36 12.61
CA SER C 75 -30.40 -2.79 11.46
C SER C 75 -29.74 -3.12 10.10
N ASN C 76 -28.63 -3.89 10.09
CA ASN C 76 -27.88 -4.23 8.85
C ASN C 76 -27.47 -2.96 8.07
N THR C 77 -27.03 -1.90 8.84
CA THR C 77 -26.72 -0.58 8.28
C THR C 77 -25.30 -0.05 8.56
N ALA C 78 -24.65 0.42 7.49
CA ALA C 78 -23.34 1.07 7.52
C ALA C 78 -23.62 2.57 7.42
N TYR C 79 -22.85 3.36 8.12
CA TYR C 79 -23.02 4.81 8.13
C TYR C 79 -21.76 5.50 7.77
N MET C 80 -21.89 6.60 7.04
CA MET C 80 -20.72 7.42 6.78
C MET C 80 -21.06 8.82 7.26
N GLU C 81 -20.23 9.35 8.16
CA GLU C 81 -20.40 10.71 8.66
C GLU C 81 -19.34 11.61 8.05
N LEU C 82 -19.76 12.73 7.46
CA LEU C 82 -18.85 13.70 6.84
C LEU C 82 -18.91 14.99 7.64
N SER C 83 -17.74 15.40 8.17
CA SER C 83 -17.58 16.56 9.07
C SER C 83 -17.06 17.81 8.35
N SER C 84 -17.23 19.02 8.98
CA SER C 84 -16.75 20.34 8.52
C SER C 84 -16.91 20.52 7.03
N LEU C 85 -18.16 20.40 6.56
CA LEU C 85 -18.55 20.42 5.15
C LEU C 85 -18.22 21.72 4.39
N THR C 86 -17.65 21.56 3.18
CA THR C 86 -17.22 22.55 2.17
C THR C 86 -18.02 22.26 0.88
N SER C 87 -18.14 23.22 -0.06
CA SER C 87 -18.84 22.99 -1.33
C SER C 87 -18.15 21.88 -2.16
N GLU C 88 -16.86 21.62 -1.88
CA GLU C 88 -16.07 20.55 -2.48
C GLU C 88 -16.59 19.16 -2.09
N ASP C 89 -17.42 19.07 -1.00
CA ASP C 89 -18.06 17.84 -0.56
C ASP C 89 -19.42 17.61 -1.28
N SER C 90 -19.86 18.53 -2.16
CA SER C 90 -21.11 18.35 -2.90
C SER C 90 -20.85 17.28 -3.95
N ALA C 91 -21.64 16.17 -3.89
CA ALA C 91 -21.48 15.04 -4.79
C ALA C 91 -22.52 13.97 -4.56
N VAL C 92 -22.39 12.88 -5.34
CA VAL C 92 -23.18 11.66 -5.15
C VAL C 92 -22.21 10.69 -4.45
N TYR C 93 -22.66 10.08 -3.35
CA TYR C 93 -21.87 9.14 -2.55
C TYR C 93 -22.53 7.77 -2.67
N TYR C 94 -21.74 6.75 -3.03
CA TYR C 94 -22.26 5.38 -3.12
C TYR C 94 -21.66 4.53 -2.03
N CYS C 95 -22.39 3.47 -1.63
CA CYS C 95 -21.86 2.44 -0.77
C CYS C 95 -21.82 1.26 -1.72
N ALA C 96 -20.85 0.37 -1.54
CA ALA C 96 -20.63 -0.74 -2.46
C ALA C 96 -20.16 -1.91 -1.65
N SER C 97 -20.72 -3.07 -1.87
CA SER C 97 -20.31 -4.24 -1.12
C SER C 97 -19.27 -5.08 -1.93
N ARG C 98 -18.33 -5.73 -1.20
CA ARG C 98 -17.35 -6.64 -1.77
C ARG C 98 -18.07 -7.85 -2.43
N SER C 99 -19.29 -8.13 -1.98
CA SER C 99 -20.14 -9.23 -2.48
C SER C 99 -20.78 -8.88 -3.82
N GLY C 100 -20.66 -7.63 -4.28
CA GLY C 100 -21.21 -7.16 -5.55
C GLY C 100 -22.10 -5.93 -5.53
N PRO C 101 -23.21 -5.91 -4.74
CA PRO C 101 -24.15 -4.77 -4.82
C PRO C 101 -23.64 -3.37 -4.42
N TRP C 102 -24.16 -2.36 -5.12
CA TRP C 102 -23.88 -0.96 -4.79
C TRP C 102 -25.22 -0.39 -4.39
N GLY C 103 -25.22 0.70 -3.62
CA GLY C 103 -26.47 1.38 -3.31
C GLY C 103 -26.90 2.24 -4.49
N GLN C 104 -27.98 2.96 -4.36
CA GLN C 104 -28.46 3.78 -5.47
C GLN C 104 -27.85 5.18 -5.45
N GLY C 105 -27.07 5.47 -4.42
CA GLY C 105 -26.40 6.76 -4.25
C GLY C 105 -27.22 7.78 -3.47
N THR C 106 -26.54 8.72 -2.79
CA THR C 106 -27.19 9.83 -2.10
C THR C 106 -26.51 11.13 -2.49
N THR C 107 -27.34 12.05 -2.95
CA THR C 107 -26.96 13.38 -3.36
C THR C 107 -26.75 14.31 -2.14
N LEU C 108 -25.51 14.75 -1.98
CA LEU C 108 -25.11 15.72 -0.95
C LEU C 108 -24.87 17.09 -1.62
N THR C 109 -25.51 18.16 -1.08
CA THR C 109 -25.33 19.54 -1.55
C THR C 109 -24.93 20.37 -0.34
N VAL C 110 -23.71 20.91 -0.36
CA VAL C 110 -23.20 21.75 0.72
C VAL C 110 -23.33 23.22 0.28
N SER C 111 -24.33 23.95 0.83
CA SER C 111 -24.62 25.33 0.43
C SER C 111 -25.31 26.21 1.49
N SER C 112 -25.03 27.52 1.39
CA SER C 112 -25.59 28.60 2.21
C SER C 112 -26.96 28.97 1.65
N ALA C 113 -27.15 28.81 0.31
CA ALA C 113 -28.40 29.10 -0.40
C ALA C 113 -29.56 28.37 0.24
N LYS C 114 -30.75 28.98 0.18
CA LYS C 114 -31.95 28.41 0.78
C LYS C 114 -32.70 27.51 -0.20
N THR C 115 -33.55 26.65 0.35
CA THR C 115 -34.39 25.70 -0.36
C THR C 115 -35.47 26.47 -1.09
N THR C 116 -35.58 26.26 -2.41
CA THR C 116 -36.61 26.86 -3.25
C THR C 116 -37.37 25.73 -3.89
N ALA C 117 -38.67 25.69 -3.70
CA ALA C 117 -39.54 24.70 -4.33
C ALA C 117 -39.56 24.95 -5.85
N PRO C 118 -39.82 23.91 -6.68
CA PRO C 118 -39.89 24.16 -8.14
C PRO C 118 -41.29 24.60 -8.58
N SER C 119 -41.36 25.30 -9.72
CA SER C 119 -42.66 25.64 -10.34
C SER C 119 -42.87 24.55 -11.38
N VAL C 120 -43.99 23.84 -11.29
CA VAL C 120 -44.28 22.73 -12.21
C VAL C 120 -45.32 23.18 -13.26
N TYR C 121 -44.88 23.41 -14.51
CA TYR C 121 -45.75 23.87 -15.58
C TYR C 121 -46.13 22.78 -16.57
N PRO C 122 -47.42 22.66 -16.92
CA PRO C 122 -47.81 21.64 -17.90
C PRO C 122 -47.56 22.16 -19.30
N LEU C 123 -47.04 21.30 -20.18
CA LEU C 123 -46.78 21.74 -21.55
C LEU C 123 -47.66 21.01 -22.48
N ALA C 124 -48.68 21.74 -22.95
CA ALA C 124 -49.70 21.29 -23.88
C ALA C 124 -49.31 21.78 -25.29
N PRO C 125 -49.52 20.98 -26.35
CA PRO C 125 -49.16 21.47 -27.70
C PRO C 125 -50.13 22.54 -28.22
N VAL C 126 -49.73 23.27 -29.27
CA VAL C 126 -50.65 24.21 -29.91
C VAL C 126 -51.58 23.36 -30.83
N CYS C 127 -52.87 23.77 -30.99
CA CYS C 127 -53.89 23.03 -31.75
C CYS C 127 -53.44 22.54 -33.16
N GLY C 128 -52.54 23.28 -33.80
CA GLY C 128 -52.00 22.92 -35.10
C GLY C 128 -51.11 21.69 -35.08
N ASP C 129 -50.69 21.24 -33.87
CA ASP C 129 -49.79 20.10 -33.68
C ASP C 129 -50.48 18.85 -33.06
N THR C 130 -51.83 18.83 -33.02
CA THR C 130 -52.66 17.73 -32.50
C THR C 130 -53.51 17.20 -33.67
N THR C 131 -53.07 17.56 -34.87
CA THR C 131 -53.69 17.38 -36.18
C THR C 131 -53.28 16.07 -36.90
N GLY C 132 -52.25 15.39 -36.38
CA GLY C 132 -51.75 14.12 -36.91
C GLY C 132 -52.11 12.91 -36.06
N SER C 133 -51.29 11.87 -36.16
CA SER C 133 -51.52 10.57 -35.50
C SER C 133 -50.75 10.36 -34.18
N SER C 134 -49.82 11.27 -33.87
CA SER C 134 -48.97 11.21 -32.68
C SER C 134 -48.97 12.57 -31.95
N VAL C 135 -48.88 12.56 -30.61
CA VAL C 135 -48.86 13.83 -29.85
C VAL C 135 -47.80 13.80 -28.74
N THR C 136 -47.06 14.91 -28.58
CA THR C 136 -46.03 15.04 -27.52
C THR C 136 -46.48 16.06 -26.49
N LEU C 137 -46.36 15.72 -25.20
CA LEU C 137 -46.70 16.61 -24.09
C LEU C 137 -45.46 16.82 -23.28
N GLY C 138 -45.44 17.90 -22.51
CA GLY C 138 -44.30 18.18 -21.68
C GLY C 138 -44.62 18.62 -20.27
N CYS C 139 -43.54 18.76 -19.46
CA CYS C 139 -43.61 19.18 -18.09
C CYS C 139 -42.35 19.91 -17.74
N LEU C 140 -42.47 21.20 -17.41
CA LEU C 140 -41.35 22.04 -17.02
C LEU C 140 -41.30 22.19 -15.50
N VAL C 141 -40.14 21.91 -14.89
CA VAL C 141 -39.84 21.93 -13.47
C VAL C 141 -38.81 23.03 -13.35
N LYS C 142 -39.28 24.25 -13.06
CA LYS C 142 -38.46 25.48 -13.09
C LYS C 142 -38.09 26.06 -11.73
N GLY C 143 -36.87 26.61 -11.67
CA GLY C 143 -36.28 27.34 -10.53
C GLY C 143 -36.34 26.71 -9.17
N TYR C 144 -35.62 25.57 -9.00
CA TYR C 144 -35.52 24.86 -7.73
C TYR C 144 -34.09 24.80 -7.20
N PHE C 145 -33.97 24.57 -5.90
CA PHE C 145 -32.71 24.42 -5.21
C PHE C 145 -32.96 23.66 -3.92
N PRO C 146 -32.17 22.58 -3.63
CA PRO C 146 -31.06 22.05 -4.43
C PRO C 146 -31.53 20.90 -5.35
N GLU C 147 -30.59 20.18 -5.98
CA GLU C 147 -30.86 18.96 -6.76
C GLU C 147 -30.97 17.82 -5.71
N PRO C 148 -31.84 16.81 -5.88
CA PRO C 148 -32.62 16.48 -7.08
C PRO C 148 -34.12 16.66 -6.93
N VAL C 149 -34.82 16.28 -8.01
CA VAL C 149 -36.24 16.12 -8.15
C VAL C 149 -36.43 14.74 -8.76
N THR C 150 -37.64 14.19 -8.64
CA THR C 150 -38.06 12.96 -9.31
C THR C 150 -39.26 13.35 -10.11
N LEU C 151 -39.40 12.76 -11.28
CA LEU C 151 -40.52 13.03 -12.17
C LEU C 151 -40.98 11.72 -12.79
N THR C 152 -42.30 11.47 -12.77
CA THR C 152 -42.94 10.30 -13.39
C THR C 152 -44.14 10.79 -14.20
N TRP C 153 -44.68 9.93 -15.06
CA TRP C 153 -45.87 10.23 -15.84
C TRP C 153 -46.96 9.16 -15.47
N ASN C 154 -48.17 9.61 -15.06
CA ASN C 154 -49.27 8.74 -14.60
C ASN C 154 -48.76 7.83 -13.45
N SER C 155 -48.07 8.45 -12.48
CA SER C 155 -47.47 7.81 -11.30
C SER C 155 -46.48 6.70 -11.64
N GLY C 156 -45.93 6.74 -12.85
CA GLY C 156 -44.95 5.76 -13.33
C GLY C 156 -45.50 4.70 -14.25
N SER C 157 -46.83 4.69 -14.50
CA SER C 157 -47.44 3.70 -15.41
C SER C 157 -47.22 4.06 -16.90
N LEU C 158 -46.83 5.33 -17.15
CA LEU C 158 -46.44 5.84 -18.46
C LEU C 158 -44.93 5.93 -18.44
N SER C 159 -44.25 5.02 -19.14
CA SER C 159 -42.80 4.99 -19.17
C SER C 159 -42.30 5.02 -20.61
N SER C 160 -43.03 4.33 -21.51
CA SER C 160 -42.69 4.29 -22.93
C SER C 160 -43.04 5.64 -23.55
N GLY C 161 -42.08 6.24 -24.24
CA GLY C 161 -42.22 7.53 -24.90
C GLY C 161 -41.80 8.71 -24.06
N VAL C 162 -41.18 8.42 -22.90
CA VAL C 162 -40.71 9.43 -21.94
C VAL C 162 -39.22 9.74 -22.15
N HIS C 163 -38.90 11.02 -22.10
CA HIS C 163 -37.56 11.58 -22.14
C HIS C 163 -37.49 12.59 -21.03
N THR C 164 -36.64 12.32 -20.04
CA THR C 164 -36.40 13.22 -18.93
C THR C 164 -35.03 13.77 -19.16
N PHE C 165 -34.89 15.08 -19.09
CA PHE C 165 -33.62 15.71 -19.40
C PHE C 165 -32.88 16.16 -18.15
N PRO C 166 -31.54 16.06 -18.11
CA PRO C 166 -30.80 16.56 -16.94
C PRO C 166 -31.05 18.04 -16.68
N ALA C 167 -31.08 18.41 -15.42
CA ALA C 167 -31.33 19.77 -14.98
C ALA C 167 -30.20 20.68 -15.36
N VAL C 168 -30.51 21.91 -15.71
CA VAL C 168 -29.50 22.91 -16.04
C VAL C 168 -29.57 24.03 -14.98
N LEU C 169 -28.40 24.58 -14.58
CA LEU C 169 -28.28 25.59 -13.55
C LEU C 169 -28.12 26.99 -14.14
N GLN C 170 -29.09 27.89 -13.85
CA GLN C 170 -29.17 29.30 -14.26
C GLN C 170 -30.27 29.97 -13.43
N SER C 171 -29.96 30.96 -12.57
CA SER C 171 -28.62 31.51 -12.32
C SER C 171 -28.01 30.71 -11.16
N ASP C 172 -28.78 30.62 -10.07
CA ASP C 172 -28.41 29.83 -8.90
C ASP C 172 -29.58 28.89 -8.57
N LEU C 173 -30.40 28.61 -9.60
CA LEU C 173 -31.57 27.74 -9.56
C LEU C 173 -31.50 26.67 -10.68
N TYR C 174 -32.18 25.52 -10.46
CA TYR C 174 -32.20 24.44 -11.41
C TYR C 174 -33.50 24.39 -12.17
N THR C 175 -33.42 23.91 -13.42
CA THR C 175 -34.60 23.74 -14.24
C THR C 175 -34.50 22.42 -15.00
N LEU C 176 -35.57 21.64 -15.02
CA LEU C 176 -35.57 20.46 -15.88
C LEU C 176 -36.89 20.29 -16.59
N SER C 177 -36.89 19.46 -17.63
CA SER C 177 -38.06 19.19 -18.44
C SER C 177 -38.20 17.72 -18.72
N SER C 178 -39.39 17.32 -19.14
CA SER C 178 -39.67 15.96 -19.52
C SER C 178 -40.73 16.00 -20.60
N SER C 179 -40.63 15.09 -21.56
CA SER C 179 -41.61 14.95 -22.64
C SER C 179 -42.15 13.55 -22.64
N VAL C 180 -43.39 13.38 -23.10
CA VAL C 180 -44.03 12.10 -23.28
C VAL C 180 -44.73 12.11 -24.67
N THR C 181 -44.49 11.06 -25.48
CA THR C 181 -45.11 10.95 -26.78
C THR C 181 -46.05 9.80 -26.74
N VAL C 182 -47.32 10.06 -27.07
CA VAL C 182 -48.38 9.05 -27.10
C VAL C 182 -49.11 9.22 -28.42
N THR C 183 -49.89 8.22 -28.81
CA THR C 183 -50.69 8.37 -30.03
C THR C 183 -51.79 9.40 -29.79
N SER C 184 -52.22 10.09 -30.87
CA SER C 184 -53.25 11.12 -30.81
C SER C 184 -54.60 10.61 -30.27
N SER C 185 -54.90 9.30 -30.44
CA SER C 185 -56.15 8.71 -29.92
C SER C 185 -56.11 8.54 -28.37
N THR C 186 -54.90 8.65 -27.75
CA THR C 186 -54.66 8.52 -26.30
C THR C 186 -54.90 9.84 -25.55
N TRP C 187 -54.56 10.96 -26.16
CA TRP C 187 -54.70 12.25 -25.50
C TRP C 187 -55.36 13.26 -26.46
N PRO C 188 -56.23 14.19 -25.99
CA PRO C 188 -56.65 14.46 -24.60
C PRO C 188 -57.72 13.53 -24.05
N SER C 189 -58.18 12.54 -24.87
CA SER C 189 -59.24 11.59 -24.51
C SER C 189 -58.96 10.82 -23.22
N GLN C 190 -57.71 10.38 -23.00
CA GLN C 190 -57.31 9.75 -21.72
C GLN C 190 -56.43 10.75 -20.99
N SER C 191 -56.44 10.66 -19.67
CA SER C 191 -55.73 11.53 -18.76
C SER C 191 -54.23 11.26 -18.67
N ILE C 192 -53.42 12.33 -18.71
CA ILE C 192 -51.96 12.27 -18.62
C ILE C 192 -51.50 13.29 -17.58
N THR C 193 -50.76 12.80 -16.57
CA THR C 193 -50.33 13.61 -15.44
C THR C 193 -48.83 13.48 -15.13
N CYS C 194 -48.21 14.61 -14.91
CA CYS C 194 -46.81 14.79 -14.57
C CYS C 194 -46.69 14.81 -13.03
N ASN C 195 -45.96 13.83 -12.43
CA ASN C 195 -45.79 13.76 -10.96
C ASN C 195 -44.40 14.18 -10.58
N VAL C 196 -44.29 15.30 -9.87
CA VAL C 196 -43.00 15.87 -9.50
C VAL C 196 -42.81 15.88 -7.99
N ALA C 197 -41.62 15.53 -7.53
CA ALA C 197 -41.28 15.58 -6.11
C ALA C 197 -39.94 16.25 -5.91
N HIS C 198 -39.87 17.23 -5.03
CA HIS C 198 -38.61 17.87 -4.66
C HIS C 198 -38.48 17.60 -3.15
N PRO C 199 -37.66 16.59 -2.74
CA PRO C 199 -37.57 16.22 -1.31
C PRO C 199 -37.14 17.34 -0.36
N ALA C 200 -36.16 18.16 -0.76
CA ALA C 200 -35.66 19.26 0.08
C ALA C 200 -36.72 20.28 0.53
N SER C 201 -37.74 20.56 -0.32
CA SER C 201 -38.82 21.50 -0.02
C SER C 201 -40.11 20.77 0.37
N SER C 202 -40.04 19.44 0.47
CA SER C 202 -41.15 18.53 0.78
C SER C 202 -42.39 18.80 -0.11
N THR C 203 -42.14 19.08 -1.40
CA THR C 203 -43.18 19.32 -2.39
C THR C 203 -43.42 18.09 -3.22
N LYS C 204 -44.69 17.80 -3.47
CA LYS C 204 -45.21 16.74 -4.31
C LYS C 204 -46.28 17.45 -5.15
N VAL C 205 -46.08 17.53 -6.47
CA VAL C 205 -47.00 18.19 -7.39
C VAL C 205 -47.53 17.17 -8.39
N ASP C 206 -48.84 17.22 -8.65
CA ASP C 206 -49.52 16.41 -9.64
C ASP C 206 -50.08 17.40 -10.68
N LYS C 207 -49.37 17.58 -11.80
CA LYS C 207 -49.78 18.54 -12.82
C LYS C 207 -50.31 17.86 -14.08
N LYS C 208 -51.64 17.82 -14.21
CA LYS C 208 -52.37 17.21 -15.31
C LYS C 208 -52.28 18.04 -16.57
N ILE C 209 -52.06 17.38 -17.72
CA ILE C 209 -51.91 18.07 -19.01
C ILE C 209 -53.27 18.24 -19.66
N GLU C 210 -53.74 19.49 -19.69
CA GLU C 210 -55.04 19.86 -20.23
C GLU C 210 -54.89 20.48 -21.61
N PRO C 211 -55.74 20.09 -22.58
CA PRO C 211 -55.62 20.67 -23.93
C PRO C 211 -55.85 22.17 -23.99
N ARG C 212 -55.12 22.84 -24.88
CA ARG C 212 -55.21 24.27 -25.13
C ARG C 212 -56.54 24.61 -25.82
N ASP D 1 0.13 6.64 -4.95
CA ASP D 1 -1.13 6.00 -5.33
C ASP D 1 -1.06 5.36 -6.73
N VAL D 2 -1.80 4.24 -6.91
CA VAL D 2 -1.84 3.54 -8.19
C VAL D 2 -2.77 4.31 -9.10
N VAL D 3 -2.29 4.72 -10.26
CA VAL D 3 -3.07 5.39 -11.29
C VAL D 3 -3.55 4.29 -12.23
N MET D 4 -4.84 4.32 -12.56
CA MET D 4 -5.46 3.36 -13.45
C MET D 4 -5.81 4.07 -14.77
N THR D 5 -5.26 3.54 -15.87
CA THR D 5 -5.41 4.15 -17.18
C THR D 5 -6.20 3.26 -18.10
N GLN D 6 -7.31 3.83 -18.56
CA GLN D 6 -8.21 3.16 -19.46
C GLN D 6 -8.13 3.69 -20.85
N THR D 7 -8.22 2.78 -21.81
CA THR D 7 -8.18 3.09 -23.23
C THR D 7 -9.20 2.22 -23.94
N PRO D 8 -9.87 2.79 -24.95
CA PRO D 8 -9.79 4.20 -25.38
C PRO D 8 -10.69 5.08 -24.51
N LEU D 9 -10.74 6.39 -24.74
CA LEU D 9 -11.63 7.26 -23.99
C LEU D 9 -13.10 6.88 -24.28
N THR D 10 -13.43 6.68 -25.56
CA THR D 10 -14.76 6.29 -26.08
C THR D 10 -14.61 5.24 -27.16
N LEU D 11 -15.64 4.48 -27.37
CA LEU D 11 -15.76 3.41 -28.34
C LEU D 11 -17.19 3.56 -28.91
N SER D 12 -17.39 3.40 -30.23
CA SER D 12 -18.72 3.49 -30.87
C SER D 12 -18.88 2.22 -31.72
N ILE D 13 -19.77 1.31 -31.33
CA ILE D 13 -19.85 -0.02 -31.93
C ILE D 13 -21.24 -0.40 -32.37
N THR D 14 -21.32 -1.11 -33.50
CA THR D 14 -22.57 -1.61 -34.05
C THR D 14 -22.99 -2.81 -33.22
N ILE D 15 -24.31 -3.09 -33.16
CA ILE D 15 -24.84 -4.23 -32.45
C ILE D 15 -24.29 -5.52 -33.09
N GLY D 16 -23.99 -6.51 -32.23
CA GLY D 16 -23.48 -7.81 -32.61
C GLY D 16 -22.01 -7.84 -32.94
N GLN D 17 -21.32 -6.72 -32.70
CA GLN D 17 -19.90 -6.61 -32.95
C GLN D 17 -19.09 -6.78 -31.65
N PRO D 18 -17.82 -7.27 -31.71
CA PRO D 18 -17.04 -7.43 -30.48
C PRO D 18 -16.51 -6.11 -29.91
N VAL D 19 -16.23 -6.12 -28.61
CA VAL D 19 -15.68 -4.97 -27.92
C VAL D 19 -14.49 -5.46 -27.07
N SER D 20 -13.42 -4.68 -27.03
CA SER D 20 -12.28 -4.97 -26.17
C SER D 20 -11.90 -3.65 -25.54
N ILE D 21 -11.75 -3.65 -24.22
CA ILE D 21 -11.47 -2.40 -23.51
C ILE D 21 -10.30 -2.65 -22.55
N SER D 22 -9.44 -1.64 -22.42
CA SER D 22 -8.18 -1.79 -21.76
C SER D 22 -8.03 -0.99 -20.48
N CYS D 23 -7.32 -1.58 -19.52
CA CYS D 23 -7.07 -0.96 -18.23
C CYS D 23 -5.65 -1.35 -17.84
N LYS D 24 -4.82 -0.34 -17.57
CA LYS D 24 -3.42 -0.53 -17.18
C LYS D 24 -3.15 0.17 -15.86
N SER D 25 -2.44 -0.51 -14.94
CA SER D 25 -2.10 0.12 -13.64
C SER D 25 -0.62 0.53 -13.59
N SER D 26 -0.31 1.62 -12.82
CA SER D 26 1.05 2.13 -12.65
C SER D 26 1.96 1.15 -11.90
N GLN D 27 1.34 0.28 -11.06
CA GLN D 27 1.99 -0.75 -10.26
C GLN D 27 1.27 -2.06 -10.46
N SER D 28 1.93 -3.20 -10.20
CA SER D 28 1.35 -4.53 -10.35
C SER D 28 0.19 -4.74 -9.39
N LEU D 29 -0.83 -5.43 -9.88
CA LEU D 29 -2.02 -5.69 -9.10
C LEU D 29 -1.97 -7.04 -8.39
N PHE D 30 -0.89 -7.83 -8.67
CA PHE D 30 -0.63 -9.12 -8.03
C PHE D 30 -0.28 -8.81 -6.56
N ALA D 31 -1.18 -9.19 -5.63
CA ALA D 31 -1.04 -8.89 -4.19
C ALA D 31 -0.09 -9.83 -3.47
N SER D 32 0.25 -9.46 -2.25
CA SER D 32 1.17 -10.20 -1.39
C SER D 32 0.63 -11.61 -1.04
N ASP D 33 -0.69 -11.80 -1.16
CA ASP D 33 -1.35 -13.06 -0.91
C ASP D 33 -1.50 -13.88 -2.21
N GLY D 34 -0.83 -13.46 -3.28
CA GLY D 34 -0.91 -14.12 -4.59
C GLY D 34 -2.21 -13.97 -5.38
N ARG D 35 -3.10 -13.06 -4.94
CA ARG D 35 -4.36 -12.80 -5.65
C ARG D 35 -4.28 -11.47 -6.45
N THR D 36 -5.09 -11.29 -7.48
CA THR D 36 -5.13 -10.07 -8.31
C THR D 36 -6.47 -9.35 -8.13
N TYR D 37 -6.40 -8.24 -7.41
CA TYR D 37 -7.54 -7.44 -7.02
C TYR D 37 -7.89 -6.37 -8.02
N LEU D 38 -8.66 -6.80 -9.04
CA LEU D 38 -9.14 -5.97 -10.13
C LEU D 38 -10.60 -6.32 -10.49
N ASN D 39 -11.48 -5.30 -10.42
CA ASN D 39 -12.89 -5.42 -10.76
C ASN D 39 -13.23 -4.55 -11.95
N TRP D 40 -14.39 -4.81 -12.57
CA TRP D 40 -14.93 -3.98 -13.66
C TRP D 40 -16.36 -3.57 -13.30
N LEU D 41 -16.64 -2.27 -13.48
CA LEU D 41 -17.96 -1.68 -13.20
C LEU D 41 -18.55 -1.12 -14.45
N LEU D 42 -19.86 -1.07 -14.54
CA LEU D 42 -20.58 -0.43 -15.64
C LEU D 42 -21.47 0.66 -15.02
N GLN D 43 -21.30 1.95 -15.38
CA GLN D 43 -22.21 3.02 -14.94
C GLN D 43 -23.13 3.39 -16.12
N ARG D 44 -24.34 2.82 -16.07
CA ARG D 44 -25.41 2.98 -17.05
C ARG D 44 -26.04 4.37 -16.90
N PRO D 45 -26.63 4.95 -17.97
CA PRO D 45 -27.26 6.30 -17.84
C PRO D 45 -28.22 6.49 -16.69
N GLY D 46 -27.92 7.52 -15.86
CA GLY D 46 -28.69 7.88 -14.68
C GLY D 46 -28.72 6.82 -13.58
N GLN D 47 -27.72 5.95 -13.56
CA GLN D 47 -27.69 4.88 -12.58
C GLN D 47 -26.46 5.00 -11.74
N SER D 48 -26.47 4.32 -10.60
CA SER D 48 -25.26 4.25 -9.79
C SER D 48 -24.36 3.24 -10.49
N PRO D 49 -23.03 3.18 -10.22
CA PRO D 49 -22.23 2.10 -10.82
C PRO D 49 -22.69 0.72 -10.34
N GLU D 50 -22.37 -0.30 -11.15
CA GLU D 50 -22.69 -1.68 -10.82
C GLU D 50 -21.53 -2.56 -11.21
N ARG D 51 -21.20 -3.58 -10.39
CA ARG D 51 -20.09 -4.47 -10.67
C ARG D 51 -20.43 -5.59 -11.66
N LEU D 52 -19.57 -5.81 -12.64
CA LEU D 52 -19.74 -6.83 -13.68
C LEU D 52 -18.80 -7.97 -13.52
N ILE D 53 -17.55 -7.67 -13.17
CA ILE D 53 -16.48 -8.63 -13.05
C ILE D 53 -15.73 -8.34 -11.82
N TYR D 54 -15.34 -9.38 -11.09
CA TYR D 54 -14.51 -9.27 -9.90
C TYR D 54 -13.37 -10.26 -9.99
N LEU D 55 -12.22 -9.85 -9.44
CA LEU D 55 -10.98 -10.63 -9.42
C LEU D 55 -10.58 -11.08 -10.85
N VAL D 56 -10.48 -10.09 -11.75
CA VAL D 56 -10.01 -10.20 -13.13
C VAL D 56 -11.04 -10.89 -14.08
N SER D 57 -11.56 -12.09 -13.72
CA SER D 57 -12.39 -12.87 -14.62
C SER D 57 -13.71 -13.38 -14.08
N ASN D 58 -14.05 -13.11 -12.82
CA ASN D 58 -15.30 -13.66 -12.31
C ASN D 58 -16.46 -12.77 -12.64
N LEU D 59 -17.55 -13.34 -13.19
CA LEU D 59 -18.71 -12.57 -13.58
C LEU D 59 -19.61 -12.50 -12.39
N ASP D 60 -20.24 -11.32 -12.20
CA ASP D 60 -21.18 -11.15 -11.12
C ASP D 60 -22.47 -11.84 -11.52
N SER D 61 -23.30 -12.20 -10.55
CA SER D 61 -24.60 -12.76 -10.83
C SER D 61 -25.41 -11.76 -11.70
N GLY D 62 -26.08 -12.31 -12.71
CA GLY D 62 -26.90 -11.58 -13.66
C GLY D 62 -26.19 -11.12 -14.93
N VAL D 63 -24.88 -11.03 -14.89
CA VAL D 63 -24.04 -10.58 -15.99
C VAL D 63 -24.05 -11.61 -17.13
N LEU D 64 -24.45 -11.18 -18.34
CA LEU D 64 -24.52 -12.10 -19.47
C LEU D 64 -23.09 -12.69 -19.86
N ASP D 65 -23.05 -13.94 -20.36
CA ASP D 65 -21.81 -14.62 -20.72
C ASP D 65 -21.01 -14.00 -21.87
N ARG D 66 -21.60 -13.05 -22.61
CA ARG D 66 -20.87 -12.33 -23.66
C ARG D 66 -19.74 -11.46 -23.00
N PHE D 67 -19.79 -11.27 -21.66
CA PHE D 67 -18.73 -10.55 -20.93
C PHE D 67 -17.61 -11.49 -20.50
N THR D 68 -16.38 -11.02 -20.65
CA THR D 68 -15.15 -11.73 -20.29
C THR D 68 -14.16 -10.74 -19.67
N GLY D 69 -13.47 -11.16 -18.62
CA GLY D 69 -12.43 -10.36 -18.01
C GLY D 69 -11.12 -11.12 -18.04
N SER D 70 -10.02 -10.46 -18.40
CA SER D 70 -8.70 -11.08 -18.45
C SER D 70 -7.58 -10.13 -18.13
N GLY D 71 -6.40 -10.70 -17.94
CA GLY D 71 -5.17 -9.96 -17.65
C GLY D 71 -4.44 -10.36 -16.39
N SER D 72 -3.28 -9.72 -16.17
CA SER D 72 -2.41 -9.95 -15.02
C SER D 72 -1.40 -8.81 -14.88
N GLY D 73 -0.77 -8.71 -13.72
CA GLY D 73 0.24 -7.70 -13.46
C GLY D 73 -0.31 -6.31 -13.54
N THR D 74 0.00 -5.60 -14.63
CA THR D 74 -0.45 -4.22 -14.83
C THR D 74 -1.38 -4.07 -16.04
N ASP D 75 -1.65 -5.16 -16.77
CA ASP D 75 -2.45 -5.12 -17.99
C ASP D 75 -3.72 -5.88 -17.88
N PHE D 76 -4.89 -5.19 -18.07
CA PHE D 76 -6.21 -5.84 -17.95
C PHE D 76 -7.13 -5.50 -19.09
N THR D 77 -8.04 -6.44 -19.38
CA THR D 77 -8.95 -6.29 -20.50
C THR D 77 -10.37 -6.76 -20.18
N LEU D 78 -11.35 -6.03 -20.69
CA LEU D 78 -12.74 -6.40 -20.61
C LEU D 78 -13.23 -6.55 -22.05
N LYS D 79 -13.77 -7.71 -22.36
CA LYS D 79 -14.23 -8.04 -23.69
C LYS D 79 -15.70 -8.42 -23.74
N ILE D 80 -16.41 -7.92 -24.75
CA ILE D 80 -17.81 -8.27 -25.01
C ILE D 80 -17.76 -9.05 -26.35
N SER D 81 -18.26 -10.29 -26.39
CA SER D 81 -18.19 -11.10 -27.61
C SER D 81 -18.96 -10.51 -28.79
N ARG D 82 -20.18 -10.07 -28.52
CA ARG D 82 -21.10 -9.45 -29.48
C ARG D 82 -21.99 -8.47 -28.68
N VAL D 83 -21.75 -7.16 -28.86
CA VAL D 83 -22.42 -6.07 -28.16
C VAL D 83 -23.94 -5.95 -28.43
N GLU D 84 -24.69 -5.64 -27.36
CA GLU D 84 -26.13 -5.38 -27.35
C GLU D 84 -26.31 -3.94 -26.84
N ALA D 85 -27.46 -3.31 -27.13
CA ALA D 85 -27.77 -1.93 -26.79
C ALA D 85 -27.71 -1.62 -25.30
N GLU D 86 -28.17 -2.56 -24.45
CA GLU D 86 -28.17 -2.43 -22.99
C GLU D 86 -26.74 -2.36 -22.39
N ASP D 87 -25.70 -2.74 -23.18
CA ASP D 87 -24.30 -2.69 -22.74
C ASP D 87 -23.73 -1.27 -22.68
N LEU D 88 -24.44 -0.30 -23.23
CA LEU D 88 -23.95 1.08 -23.30
C LEU D 88 -23.74 1.71 -21.91
N GLY D 89 -22.78 2.63 -21.82
CA GLY D 89 -22.48 3.37 -20.59
C GLY D 89 -20.98 3.55 -20.41
N VAL D 90 -20.55 3.93 -19.19
CA VAL D 90 -19.15 4.13 -18.85
C VAL D 90 -18.65 2.94 -18.04
N TYR D 91 -17.57 2.32 -18.52
CA TYR D 91 -16.93 1.19 -17.88
C TYR D 91 -15.75 1.67 -17.06
N TYR D 92 -15.66 1.24 -15.81
CA TYR D 92 -14.56 1.61 -14.92
C TYR D 92 -13.87 0.38 -14.41
N CYS D 93 -12.54 0.41 -14.35
CA CYS D 93 -11.80 -0.65 -13.68
C CYS D 93 -11.53 -0.20 -12.23
N TRP D 94 -11.40 -1.16 -11.30
CA TRP D 94 -11.26 -0.85 -9.88
C TRP D 94 -10.24 -1.76 -9.24
N GLN D 95 -9.17 -1.18 -8.68
CA GLN D 95 -8.09 -1.92 -8.04
C GLN D 95 -8.17 -1.84 -6.50
N GLY D 96 -7.97 -2.99 -5.86
CA GLY D 96 -7.98 -3.08 -4.40
C GLY D 96 -6.77 -3.75 -3.79
N THR D 97 -5.64 -3.76 -4.52
CA THR D 97 -4.38 -4.38 -4.08
C THR D 97 -3.58 -3.42 -3.23
N HIS D 98 -3.55 -2.15 -3.64
CA HIS D 98 -2.78 -1.10 -2.99
C HIS D 98 -3.69 -0.09 -2.35
N PHE D 99 -3.21 0.61 -1.34
CA PHE D 99 -4.05 1.57 -0.63
C PHE D 99 -3.53 2.97 -0.90
N PRO D 100 -4.41 3.89 -1.31
CA PRO D 100 -5.88 3.76 -1.40
C PRO D 100 -6.36 3.00 -2.61
N GLN D 101 -7.59 2.48 -2.55
CA GLN D 101 -8.20 1.85 -3.71
C GLN D 101 -8.46 2.99 -4.71
N THR D 102 -8.23 2.70 -6.00
CA THR D 102 -8.38 3.66 -7.07
C THR D 102 -9.09 3.07 -8.29
N PHE D 103 -9.74 3.92 -9.04
CA PHE D 103 -10.49 3.50 -10.22
C PHE D 103 -9.90 4.12 -11.45
N GLY D 104 -10.07 3.48 -12.59
CA GLY D 104 -9.65 4.11 -13.83
C GLY D 104 -10.60 5.24 -14.19
N GLY D 105 -10.14 6.10 -15.10
CA GLY D 105 -10.90 7.27 -15.53
C GLY D 105 -12.15 7.00 -16.32
N GLY D 106 -12.38 5.74 -16.71
CA GLY D 106 -13.57 5.34 -17.46
C GLY D 106 -13.37 5.26 -18.95
N THR D 107 -14.24 4.47 -19.59
CA THR D 107 -14.30 4.26 -21.05
C THR D 107 -15.75 4.32 -21.42
N LYS D 108 -16.10 5.22 -22.33
CA LYS D 108 -17.50 5.32 -22.72
C LYS D 108 -17.84 4.40 -23.92
N LEU D 109 -18.80 3.49 -23.75
CA LEU D 109 -19.30 2.66 -24.83
C LEU D 109 -20.57 3.26 -25.45
N GLU D 110 -20.52 3.51 -26.77
CA GLU D 110 -21.64 4.05 -27.53
C GLU D 110 -22.08 3.04 -28.55
N ILE D 111 -23.39 2.93 -28.74
CA ILE D 111 -23.93 2.05 -29.78
C ILE D 111 -24.01 2.87 -31.09
N LYS D 112 -23.44 2.34 -32.18
CA LYS D 112 -23.44 2.97 -33.50
C LYS D 112 -24.65 2.43 -34.28
N ARG D 113 -25.56 3.33 -34.69
CA ARG D 113 -26.76 2.97 -35.43
C ARG D 113 -26.87 3.86 -36.68
N ALA D 114 -27.92 3.67 -37.47
CA ALA D 114 -28.21 4.48 -38.64
C ALA D 114 -28.60 5.91 -38.19
N ASP D 115 -28.31 6.93 -38.99
CA ASP D 115 -28.72 8.31 -38.70
C ASP D 115 -30.22 8.41 -38.63
N ALA D 116 -30.71 9.20 -37.68
CA ALA D 116 -32.12 9.44 -37.47
C ALA D 116 -32.32 10.91 -37.24
N ALA D 117 -33.28 11.47 -37.97
CA ALA D 117 -33.66 12.89 -37.86
C ALA D 117 -34.50 13.08 -36.59
N PRO D 118 -34.41 14.21 -35.87
CA PRO D 118 -35.27 14.37 -34.67
C PRO D 118 -36.76 14.57 -34.99
N THR D 119 -37.59 14.21 -33.99
CA THR D 119 -39.02 14.49 -33.91
C THR D 119 -38.99 15.79 -33.07
N VAL D 120 -39.39 16.91 -33.67
CA VAL D 120 -39.30 18.22 -33.03
C VAL D 120 -40.67 18.70 -32.53
N SER D 121 -40.73 19.21 -31.28
CA SER D 121 -41.98 19.70 -30.69
C SER D 121 -41.72 21.04 -30.00
N ILE D 122 -42.63 22.00 -30.22
CA ILE D 122 -42.60 23.34 -29.61
C ILE D 122 -43.85 23.54 -28.75
N PHE D 123 -43.65 24.24 -27.64
CA PHE D 123 -44.62 24.50 -26.60
C PHE D 123 -44.46 25.93 -26.17
N PRO D 124 -45.57 26.69 -26.30
CA PRO D 124 -45.57 28.08 -25.81
C PRO D 124 -45.58 28.12 -24.28
N PRO D 125 -45.34 29.27 -23.60
CA PRO D 125 -45.52 29.32 -22.13
C PRO D 125 -46.94 28.86 -21.76
N SER D 126 -47.06 28.17 -20.64
CA SER D 126 -48.31 27.72 -20.06
C SER D 126 -49.11 28.94 -19.51
N SER D 127 -50.44 28.79 -19.32
CA SER D 127 -51.29 29.86 -18.77
C SER D 127 -50.79 30.16 -17.38
N GLU D 128 -50.44 29.10 -16.61
CA GLU D 128 -49.89 29.10 -15.26
C GLU D 128 -48.68 29.97 -15.12
N GLN D 129 -47.68 29.80 -16.00
CA GLN D 129 -46.42 30.55 -15.99
C GLN D 129 -46.66 32.00 -16.34
N LEU D 130 -47.60 32.27 -17.27
CA LEU D 130 -47.95 33.62 -17.70
C LEU D 130 -48.71 34.35 -16.57
N THR D 131 -49.71 33.67 -15.97
CA THR D 131 -50.52 34.12 -14.83
C THR D 131 -49.60 34.62 -13.71
N SER D 132 -48.45 33.94 -13.48
CA SER D 132 -47.49 34.28 -12.44
C SER D 132 -46.36 35.23 -12.91
N GLY D 133 -46.42 35.69 -14.17
CA GLY D 133 -45.50 36.69 -14.71
C GLY D 133 -44.22 36.27 -15.40
N GLY D 134 -44.12 35.00 -15.80
CA GLY D 134 -42.92 34.48 -16.47
C GLY D 134 -43.22 33.89 -17.83
N ALA D 135 -42.14 33.71 -18.67
CA ALA D 135 -42.31 33.14 -20.02
C ALA D 135 -41.15 32.28 -20.50
N SER D 136 -41.43 30.97 -20.73
CA SER D 136 -40.48 29.97 -21.21
C SER D 136 -41.05 29.22 -22.41
N VAL D 137 -40.32 29.26 -23.51
CA VAL D 137 -40.72 28.55 -24.74
C VAL D 137 -39.82 27.31 -24.77
N VAL D 138 -40.42 26.14 -24.77
CA VAL D 138 -39.71 24.87 -24.74
C VAL D 138 -39.75 24.13 -26.09
N CYS D 139 -38.61 23.55 -26.45
CA CYS D 139 -38.46 22.75 -27.62
C CYS D 139 -37.77 21.43 -27.30
N PHE D 140 -38.31 20.32 -27.83
CA PHE D 140 -37.79 18.98 -27.68
C PHE D 140 -37.37 18.43 -29.05
N LEU D 141 -36.13 17.92 -29.14
CA LEU D 141 -35.54 17.31 -30.33
C LEU D 141 -35.35 15.89 -29.86
N ASN D 142 -36.29 14.97 -30.16
CA ASN D 142 -36.25 13.62 -29.65
C ASN D 142 -35.96 12.53 -30.66
N ASN D 143 -35.33 11.43 -30.17
CA ASN D 143 -34.95 10.21 -30.87
C ASN D 143 -34.19 10.45 -32.17
N PHE D 144 -33.03 11.14 -32.05
CA PHE D 144 -32.13 11.46 -33.15
C PHE D 144 -30.74 10.79 -33.00
N TYR D 145 -30.02 10.64 -34.13
CA TYR D 145 -28.67 10.07 -34.24
C TYR D 145 -27.99 10.74 -35.45
N PRO D 146 -26.72 11.24 -35.36
CA PRO D 146 -25.78 11.17 -34.22
C PRO D 146 -26.11 12.16 -33.11
N LYS D 147 -25.22 12.27 -32.11
CA LYS D 147 -25.48 13.09 -30.91
C LYS D 147 -25.43 14.57 -31.17
N ASP D 148 -24.59 14.99 -32.10
CA ASP D 148 -24.37 16.40 -32.37
C ASP D 148 -25.43 16.98 -33.32
N ILE D 149 -26.31 17.75 -32.72
CA ILE D 149 -27.42 18.37 -33.41
C ILE D 149 -27.37 19.84 -32.98
N ASN D 150 -27.80 20.72 -33.87
CA ASN D 150 -27.88 22.14 -33.62
C ASN D 150 -29.33 22.57 -33.48
N VAL D 151 -29.60 23.49 -32.54
CA VAL D 151 -30.89 24.13 -32.31
C VAL D 151 -30.72 25.59 -32.51
N LYS D 152 -31.66 26.20 -33.22
CA LYS D 152 -31.65 27.63 -33.45
C LYS D 152 -33.03 28.14 -33.13
N TRP D 153 -33.09 29.22 -32.35
CA TRP D 153 -34.32 29.86 -31.98
C TRP D 153 -34.47 31.14 -32.76
N LYS D 154 -35.68 31.41 -33.22
CA LYS D 154 -36.03 32.61 -33.93
C LYS D 154 -37.28 33.25 -33.32
N ILE D 155 -37.23 34.56 -33.15
CA ILE D 155 -38.34 35.37 -32.66
C ILE D 155 -38.60 36.39 -33.77
N ASP D 156 -39.80 36.37 -34.39
CA ASP D 156 -40.16 37.24 -35.54
C ASP D 156 -39.09 37.18 -36.66
N GLY D 157 -38.61 35.96 -36.96
CA GLY D 157 -37.60 35.72 -37.98
C GLY D 157 -36.18 36.14 -37.61
N SER D 158 -35.93 36.47 -36.34
CA SER D 158 -34.62 36.92 -35.88
C SER D 158 -34.04 35.98 -34.81
N GLU D 159 -32.82 35.46 -35.07
CA GLU D 159 -32.10 34.53 -34.22
C GLU D 159 -31.85 35.08 -32.84
N ARG D 160 -32.28 34.30 -31.84
CA ARG D 160 -32.12 34.63 -30.43
C ARG D 160 -31.21 33.59 -29.82
N GLN D 161 -30.12 34.06 -29.23
CA GLN D 161 -29.12 33.20 -28.62
C GLN D 161 -29.11 33.28 -27.11
N ASN D 162 -29.33 34.50 -26.55
CA ASN D 162 -29.38 34.77 -25.11
C ASN D 162 -30.66 34.22 -24.49
N GLY D 163 -30.52 33.63 -23.30
CA GLY D 163 -31.60 33.04 -22.51
C GLY D 163 -32.01 31.63 -22.90
N VAL D 164 -31.17 30.94 -23.69
CA VAL D 164 -31.40 29.58 -24.19
C VAL D 164 -30.64 28.55 -23.33
N LEU D 165 -31.38 27.58 -22.78
CA LEU D 165 -30.84 26.50 -21.95
C LEU D 165 -31.02 25.19 -22.68
N ASN D 166 -29.90 24.49 -22.94
CA ASN D 166 -29.89 23.19 -23.63
C ASN D 166 -29.52 22.04 -22.73
N SER D 167 -30.16 20.89 -22.95
CA SER D 167 -29.89 19.71 -22.14
C SER D 167 -30.08 18.44 -22.92
N TRP D 168 -29.04 17.65 -23.00
CA TRP D 168 -29.00 16.38 -23.72
C TRP D 168 -29.16 15.19 -22.79
N THR D 169 -29.87 14.17 -23.23
CA THR D 169 -29.92 12.92 -22.49
C THR D 169 -28.65 12.13 -22.91
N ASP D 170 -28.34 11.06 -22.18
CA ASP D 170 -27.31 10.11 -22.56
C ASP D 170 -27.98 9.22 -23.60
N GLN D 171 -27.25 8.26 -24.18
CA GLN D 171 -27.84 7.41 -25.20
C GLN D 171 -28.87 6.47 -24.55
N ASP D 172 -30.00 6.32 -25.22
CA ASP D 172 -31.14 5.48 -24.84
C ASP D 172 -30.93 4.06 -25.39
N SER D 173 -30.85 3.04 -24.51
CA SER D 173 -30.67 1.63 -24.92
C SER D 173 -31.84 0.97 -25.64
N LYS D 174 -33.02 1.60 -25.69
CA LYS D 174 -34.14 0.97 -26.39
C LYS D 174 -34.04 1.11 -27.93
N ASP D 175 -33.45 2.23 -28.42
CA ASP D 175 -33.33 2.48 -29.87
C ASP D 175 -32.01 3.11 -30.27
N SER D 176 -31.08 3.28 -29.29
CA SER D 176 -29.74 3.83 -29.43
C SER D 176 -29.70 5.28 -29.91
N THR D 177 -30.77 6.03 -29.67
CA THR D 177 -30.79 7.42 -30.12
C THR D 177 -30.52 8.36 -28.94
N TYR D 178 -30.42 9.66 -29.22
CA TYR D 178 -30.28 10.71 -28.20
C TYR D 178 -31.52 11.61 -28.30
N SER D 179 -31.60 12.54 -27.37
CA SER D 179 -32.70 13.52 -27.29
C SER D 179 -32.18 14.72 -26.58
N MET D 180 -32.74 15.86 -26.88
CA MET D 180 -32.39 17.07 -26.19
C MET D 180 -33.60 18.00 -26.05
N SER D 181 -33.49 18.91 -25.08
CA SER D 181 -34.46 19.90 -24.70
C SER D 181 -33.78 21.27 -24.79
N SER D 182 -34.47 22.24 -25.40
CA SER D 182 -34.02 23.63 -25.52
C SER D 182 -35.10 24.53 -24.94
N THR D 183 -34.72 25.35 -23.99
CA THR D 183 -35.66 26.25 -23.35
C THR D 183 -35.22 27.68 -23.56
N LEU D 184 -36.09 28.47 -24.21
CA LEU D 184 -35.85 29.88 -24.43
C LEU D 184 -36.62 30.62 -23.31
N THR D 185 -35.88 31.27 -22.39
CA THR D 185 -36.48 32.01 -21.29
C THR D 185 -36.41 33.50 -21.53
N LEU D 186 -37.60 34.13 -21.48
CA LEU D 186 -37.82 35.56 -21.68
C LEU D 186 -38.68 36.07 -20.53
N THR D 187 -38.86 37.38 -20.44
CA THR D 187 -39.75 37.94 -19.44
C THR D 187 -41.13 37.83 -20.08
N LYS D 188 -42.21 38.02 -19.29
CA LYS D 188 -43.55 38.04 -19.82
C LYS D 188 -43.70 39.23 -20.79
N ASP D 189 -43.04 40.38 -20.50
CA ASP D 189 -43.05 41.58 -21.36
C ASP D 189 -42.41 41.34 -22.72
N GLU D 190 -41.22 40.71 -22.78
CA GLU D 190 -40.53 40.39 -24.04
C GLU D 190 -41.36 39.44 -24.86
N TYR D 191 -41.89 38.40 -24.21
CA TYR D 191 -42.74 37.41 -24.84
C TYR D 191 -44.01 38.02 -25.47
N GLU D 192 -44.60 39.03 -24.79
CA GLU D 192 -45.82 39.69 -25.23
C GLU D 192 -45.60 40.65 -26.42
N ARG D 193 -44.39 41.24 -26.55
CA ARG D 193 -44.01 42.17 -27.63
C ARG D 193 -43.81 41.45 -28.98
N HIS D 194 -43.57 40.13 -28.95
CA HIS D 194 -43.26 39.38 -30.16
C HIS D 194 -44.34 38.36 -30.49
N ASN D 195 -44.40 37.94 -31.77
CA ASN D 195 -45.47 37.06 -32.24
C ASN D 195 -45.02 35.66 -32.74
N SER D 196 -44.07 35.56 -33.68
CA SER D 196 -43.64 34.27 -34.21
C SER D 196 -42.53 33.64 -33.35
N TYR D 197 -42.71 32.37 -32.90
CA TYR D 197 -41.67 31.67 -32.11
C TYR D 197 -41.27 30.40 -32.81
N THR D 198 -39.99 30.30 -33.18
CA THR D 198 -39.54 29.21 -34.02
C THR D 198 -38.39 28.43 -33.45
N CYS D 199 -38.46 27.12 -33.67
CA CYS D 199 -37.46 26.18 -33.25
C CYS D 199 -36.97 25.42 -34.49
N GLU D 200 -35.69 25.57 -34.79
CA GLU D 200 -35.06 24.92 -35.96
C GLU D 200 -34.00 23.90 -35.56
N ALA D 201 -34.04 22.70 -36.16
CA ALA D 201 -33.05 21.65 -35.85
C ALA D 201 -32.22 21.25 -37.06
N THR D 202 -30.88 21.37 -36.96
CA THR D 202 -30.00 20.94 -38.04
C THR D 202 -28.99 19.91 -37.55
N HIS D 203 -28.69 18.91 -38.36
CA HIS D 203 -27.68 17.92 -38.03
C HIS D 203 -26.31 18.48 -38.37
N LYS D 204 -26.23 19.38 -39.35
CA LYS D 204 -25.00 20.08 -39.76
C LYS D 204 -25.39 21.38 -40.46
N THR D 205 -24.48 22.38 -40.42
CA THR D 205 -24.68 23.71 -41.02
C THR D 205 -24.79 23.56 -42.54
N SER D 206 -25.51 24.48 -43.19
CA SER D 206 -25.77 24.47 -44.63
C SER D 206 -26.81 23.38 -45.04
N THR D 207 -27.64 22.91 -44.09
CA THR D 207 -28.74 21.98 -44.41
C THR D 207 -30.03 22.65 -44.00
N SER D 208 -31.12 22.21 -44.62
CA SER D 208 -32.44 22.76 -44.33
C SER D 208 -32.97 22.18 -43.03
N PRO D 209 -33.36 23.06 -42.09
CA PRO D 209 -33.81 22.58 -40.77
C PRO D 209 -35.16 21.91 -40.70
N ILE D 210 -35.39 21.11 -39.64
CA ILE D 210 -36.71 20.63 -39.24
C ILE D 210 -37.18 21.82 -38.37
N VAL D 211 -38.30 22.43 -38.77
CA VAL D 211 -38.85 23.63 -38.17
C VAL D 211 -40.18 23.35 -37.48
N LYS D 212 -40.37 23.98 -36.34
CA LYS D 212 -41.59 23.99 -35.57
C LYS D 212 -41.74 25.40 -35.10
N SER D 213 -42.90 25.95 -35.33
CA SER D 213 -43.17 27.33 -35.03
C SER D 213 -44.59 27.47 -34.51
N PHE D 214 -44.86 28.59 -33.86
CA PHE D 214 -46.21 28.97 -33.45
C PHE D 214 -46.25 30.49 -33.38
N ASN D 215 -47.44 31.06 -33.58
CA ASN D 215 -47.63 32.49 -33.51
C ASN D 215 -48.40 32.73 -32.22
N ARG D 216 -47.85 33.55 -31.29
CA ARG D 216 -48.48 33.83 -29.98
C ARG D 216 -49.99 34.24 -30.04
C1 FLU E . 2.97 -17.10 6.80
O1 FLU E . 2.96 -18.45 6.99
C2 FLU E . 2.14 -16.60 5.79
C3 FLU E . 2.21 -15.25 5.52
O2 FLU E . 1.36 -14.80 4.52
C4 FLU E . 1.33 -13.48 4.16
C5 FLU E . 0.46 -13.13 3.17
C6 FLU E . 0.34 -11.75 2.75
O3 FLU E . -0.48 -11.41 1.90
C7 FLU E . 1.21 -10.77 3.41
C8 FLU E . 2.09 -11.15 4.37
C9 FLU E . 2.20 -12.52 4.79
C10 FLU E . 3.10 -12.95 5.79
C11 FLU E . 3.08 -14.38 6.19
C12 FLU E . 3.86 -14.91 7.22
C13 FLU E . 3.80 -16.27 7.51
C14 FLU E . 4.12 -12.00 6.37
C15 FLU E . 3.88 -11.50 7.65
C16 FLU E . 4.62 -10.43 8.13
C17 FLU E . 5.63 -9.87 7.35
C18 FLU E . 5.92 -10.40 6.10
C19 FLU E . 5.18 -11.47 5.60
C20 FLU E . 5.52 -12.04 4.27
O4 FLU E . 5.99 -13.17 4.15
O5 FLU E . 5.22 -11.28 3.25
S SO4 F . 0.02 -0.73 0.15
O1 SO4 F . 1.40 -1.06 -0.01
O2 SO4 F . -0.23 0.03 1.36
O3 SO4 F . -0.26 0.08 -1.02
O4 SO4 F . -0.77 -1.97 0.18
S SO4 G . 49.99 8.50 23.99
O1 SO4 G . 50.98 8.24 25.02
O2 SO4 G . 50.60 9.27 22.91
O3 SO4 G . 48.85 9.21 24.57
O4 SO4 G . 49.52 7.23 23.43
C1 FLU H . -14.30 -10.72 -4.00
O1 FLU H . -15.10 -11.81 -4.17
C2 FLU H . -13.33 -10.77 -3.01
C3 FLU H . -12.46 -9.72 -2.88
O2 FLU H . -11.54 -9.83 -1.86
C4 FLU H . -10.62 -8.84 -1.62
C5 FLU H . -9.71 -9.09 -0.65
C6 FLU H . -8.63 -8.17 -0.40
O3 FLU H . -7.73 -8.45 0.38
C7 FLU H . -8.60 -6.95 -1.19
C8 FLU H . -9.54 -6.72 -2.14
C9 FLU H . -10.58 -7.66 -2.43
C10 FLU H . -11.51 -7.49 -3.46
C11 FLU H . -12.52 -8.58 -3.70
C12 FLU H . -13.52 -8.54 -4.67
C13 FLU H . -14.40 -9.60 -4.82
C14 FLU H . -11.54 -6.23 -4.28
C15 FLU H . -11.08 -6.30 -5.60
C16 FLU H . -10.93 -5.15 -6.34
C17 FLU H . -11.22 -3.91 -5.78
C18 FLU H . -11.68 -3.82 -4.48
C19 FLU H . -11.87 -4.98 -3.73
C20 FLU H . -12.53 -4.85 -2.40
O4 FLU H . -11.79 -4.44 -1.41
O5 FLU H . -13.69 -5.16 -2.25
S SO4 I . -30.06 -10.96 10.26
O1 SO4 I . -28.89 -11.60 9.64
O2 SO4 I . -29.76 -9.55 10.57
O3 SO4 I . -31.19 -11.04 9.33
O4 SO4 I . -30.35 -11.67 11.51
S SO4 J . -21.65 21.25 -37.98
O1 SO4 J . -20.25 21.60 -37.70
O2 SO4 J . -22.53 22.03 -37.10
O3 SO4 J . -21.92 21.55 -39.37
O4 SO4 J . -21.85 19.82 -37.72
S SO4 K . -29.22 37.63 -29.17
O1 SO4 K . -28.77 36.79 -30.28
O2 SO4 K . -28.11 38.46 -28.71
O3 SO4 K . -30.34 38.48 -29.60
O4 SO4 K . -29.67 36.80 -28.06
#